data_3WSY
#
_entry.id   3WSY
#
_cell.length_a   158.186
_cell.length_b   158.186
_cell.length_c   145.458
_cell.angle_alpha   90.00
_cell.angle_beta   90.00
_cell.angle_gamma   90.00
#
_symmetry.space_group_name_H-M   'I 41'
#
loop_
_entity.id
_entity.type
_entity.pdbx_description
1 polymer 'Sortilin-related receptor'
2 polymer 'peptide from Sortilin-related receptor'
3 non-polymer 2-acetamido-2-deoxy-beta-D-glucopyranose
#
loop_
_entity_poly.entity_id
_entity_poly.type
_entity_poly.pdbx_seq_one_letter_code
_entity_poly.pdbx_strand_id
1 'polypeptide(L)'
;EQPEPIKVYGQVSLNDSHNQMVVHWAGEKSNVIVALARDSLALARPKSSDVYVSYDYGKSFKKISDKLNFGLGNRSEAVI
AQFYHSPADNKRYIFADAYAQYLWITFDFCNTLQGFSIPFRAADLLLHSKASNLLLGFDRSHPNKQLWKSDDFGQTWIMI
QEHVKSFSWGIDPYDKPNTIYIERHEPSGYSTVFRSTDFFQSRENQEVILEEVRDFQLRDKYMFATKVVHLLGSEQQSSV
QLWVSFGRKPMRAAQFVTRHPINEYYIADASEDQVFVCVSHSNNRTNLYISEAEGLKFSLSLENVLYYSPGGAGSDTLVR
YFANEPFADFHRVEGLQGVYIATLINGSMNEENMRSVITFDKGGTWEFLQAPAFTGYGEKINCELSQGCSLHLAQRLSQL
LNLQLRRMPILSKESAPGLIIATGSVGKNLASKTNVYISSSAGARWREALPGPHYYTWGDHGGIITAIAQGMETNELKYS
TNEGETWKTFIFSEKPVFVYGLLTEPGEKSTVFTIFGSNKENVHSWLILQVNATDALGVPCTENDYKLWSPSDERGNECL
LGHKTVFKRRTPHATCFNGEDFDRPVVVSNCSCTREDYECDFGFKMSEDLSLEVCVPDPEFSGKSYSPPVPCPVGSTYRR
TRGYRKISGDTCSGGDVEARLEGELVPCPSRLENLYFQ
;
A
2 'polypeptide(L)' LPQDRGFLVVQGDPR C
#
# COMPACT_ATOMS: atom_id res chain seq x y z
N GLN A 2 39.06 15.17 4.73
CA GLN A 2 37.76 14.45 4.85
C GLN A 2 37.37 14.22 6.31
N PRO A 3 36.39 14.98 6.81
CA PRO A 3 35.70 14.50 8.00
C PRO A 3 34.55 13.63 7.48
N GLU A 4 34.64 12.32 7.71
CA GLU A 4 33.71 11.40 7.08
C GLU A 4 32.28 11.93 6.95
N PRO A 5 31.70 11.87 5.74
CA PRO A 5 30.37 12.43 5.50
C PRO A 5 29.23 11.62 6.12
N ILE A 6 29.54 10.50 6.75
CA ILE A 6 28.53 9.73 7.45
C ILE A 6 29.06 9.23 8.79
N LYS A 7 28.31 9.52 9.85
CA LYS A 7 28.67 9.04 11.18
C LYS A 7 27.91 7.79 11.55
N VAL A 8 28.57 6.91 12.30
CA VAL A 8 27.91 5.74 12.86
C VAL A 8 27.50 6.04 14.29
N TYR A 9 26.41 6.78 14.38
CA TYR A 9 25.81 7.31 15.59
C TYR A 9 25.54 6.22 16.65
N GLY A 10 25.51 4.93 16.27
CA GLY A 10 25.35 3.83 17.25
C GLY A 10 25.60 2.41 16.73
N GLN A 11 26.24 1.57 17.57
CA GLN A 11 26.47 0.13 17.28
C GLN A 11 25.89 -0.71 18.38
N VAL A 12 25.06 -1.68 18.02
CA VAL A 12 24.27 -2.43 19.01
C VAL A 12 24.17 -3.91 18.68
N SER A 13 24.73 -4.75 19.55
CA SER A 13 24.56 -6.19 19.43
C SER A 13 23.50 -6.59 20.41
N LEU A 14 22.53 -7.34 19.96
CA LEU A 14 21.43 -7.65 20.84
C LEU A 14 21.66 -8.90 21.68
N ASN A 15 22.52 -9.80 21.21
CA ASN A 15 22.71 -11.09 21.88
C ASN A 15 21.39 -11.84 21.82
N ASP A 16 20.71 -11.68 20.70
CA ASP A 16 19.40 -12.27 20.49
C ASP A 16 19.48 -13.00 19.18
N SER A 17 18.85 -14.17 19.12
CA SER A 17 18.91 -14.95 17.90
C SER A 17 17.56 -15.53 17.49
N HIS A 18 16.48 -14.82 17.86
CA HIS A 18 15.12 -15.12 17.39
C HIS A 18 15.03 -14.83 15.92
N ASN A 19 14.24 -15.60 15.16
CA ASN A 19 14.31 -15.51 13.70
C ASN A 19 13.66 -14.30 13.11
N GLN A 20 12.82 -13.66 13.89
CA GLN A 20 12.08 -12.54 13.36
C GLN A 20 12.13 -11.36 14.29
N MET A 21 12.24 -10.19 13.66
CA MET A 21 12.14 -8.94 14.38
C MET A 21 11.07 -7.97 13.87
N VAL A 22 10.33 -7.43 14.84
CA VAL A 22 9.27 -6.49 14.58
C VAL A 22 9.67 -5.16 15.19
N VAL A 23 9.68 -4.10 14.39
CA VAL A 23 10.23 -2.81 14.81
C VAL A 23 9.23 -1.69 14.76
N HIS A 24 9.20 -0.83 15.75
CA HIS A 24 8.33 0.27 15.64
C HIS A 24 8.99 1.49 16.12
N TRP A 25 8.97 2.47 15.26
CA TRP A 25 9.38 3.80 15.63
C TRP A 25 8.16 4.50 16.15
N ALA A 26 8.28 5.22 17.26
CA ALA A 26 7.13 5.90 17.80
C ALA A 26 6.98 7.28 17.18
N GLY A 27 8.04 7.78 16.57
CA GLY A 27 7.97 9.03 15.81
C GLY A 27 7.59 10.26 16.61
N GLU A 28 6.90 11.20 15.97
CA GLU A 28 6.57 12.48 16.60
C GLU A 28 7.75 13.02 17.37
N LYS A 29 8.94 12.88 16.77
CA LYS A 29 10.16 13.35 17.40
C LYS A 29 10.32 12.73 18.76
N SER A 30 9.68 11.60 18.96
CA SER A 30 9.73 10.89 20.22
C SER A 30 11.12 10.45 20.59
N ASN A 31 11.88 9.96 19.62
CA ASN A 31 13.22 9.41 19.86
C ASN A 31 13.20 7.97 20.33
N VAL A 32 12.01 7.40 20.44
CA VAL A 32 11.81 6.04 20.90
C VAL A 32 11.65 5.01 19.77
N ILE A 33 12.34 3.90 19.88
CA ILE A 33 12.14 2.80 18.96
C ILE A 33 11.83 1.58 19.79
N VAL A 34 10.91 0.75 19.32
CA VAL A 34 10.51 -0.46 20.06
C VAL A 34 10.68 -1.67 19.19
N ALA A 35 11.30 -2.71 19.73
CA ALA A 35 11.50 -3.95 18.97
C ALA A 35 11.08 -5.21 19.73
N LEU A 36 10.49 -6.12 18.99
CA LEU A 36 10.12 -7.41 19.48
C LEU A 36 10.90 -8.44 18.68
N ALA A 37 11.62 -9.31 19.38
CA ALA A 37 12.26 -10.47 18.77
C ALA A 37 11.47 -11.67 19.19
N ARG A 38 11.01 -12.41 18.19
CA ARG A 38 10.01 -13.42 18.34
C ARG A 38 10.36 -14.51 17.36
N ASP A 39 9.87 -15.71 17.60
CA ASP A 39 10.10 -16.78 16.65
C ASP A 39 9.19 -16.60 15.48
N SER A 40 9.53 -17.24 14.37
CA SER A 40 8.79 -17.09 13.15
C SER A 40 7.30 -17.19 13.43
N LEU A 41 6.53 -16.34 12.77
CA LEU A 41 5.09 -16.43 12.92
C LEU A 41 4.58 -17.74 12.32
N ALA A 42 5.07 -18.07 11.14
CA ALA A 42 4.51 -19.21 10.41
C ALA A 42 4.15 -20.37 11.34
N LEU A 43 5.08 -20.79 12.19
CA LEU A 43 4.75 -21.81 13.17
C LEU A 43 3.75 -21.23 14.15
N ALA A 44 2.92 -22.11 14.70
CA ALA A 44 1.94 -21.75 15.71
C ALA A 44 2.43 -22.20 17.07
N ARG A 45 3.70 -22.60 17.14
CA ARG A 45 4.29 -23.15 18.34
C ARG A 45 5.39 -22.25 18.91
N PRO A 46 5.21 -20.92 18.85
CA PRO A 46 6.33 -20.03 19.15
C PRO A 46 6.88 -20.28 20.55
N LYS A 47 8.20 -20.32 20.71
CA LYS A 47 8.79 -20.76 22.00
C LYS A 47 9.40 -19.73 22.94
N SER A 48 9.72 -18.53 22.46
CA SER A 48 10.34 -17.51 23.33
C SER A 48 10.25 -16.12 22.75
N SER A 49 10.40 -15.09 23.57
CA SER A 49 10.49 -13.77 23.00
C SER A 49 11.23 -12.79 23.88
N ASP A 50 11.91 -11.86 23.22
CA ASP A 50 12.51 -10.72 23.89
C ASP A 50 12.04 -9.38 23.30
N VAL A 51 11.96 -8.38 24.18
CA VAL A 51 11.49 -7.04 23.86
C VAL A 51 12.59 -6.02 24.20
N TYR A 52 12.87 -5.10 23.28
CA TYR A 52 13.91 -4.12 23.52
C TYR A 52 13.36 -2.77 23.16
N VAL A 53 13.77 -1.74 23.89
CA VAL A 53 13.38 -0.36 23.58
C VAL A 53 14.59 0.58 23.66
N SER A 54 14.66 1.57 22.78
CA SER A 54 15.71 2.59 22.78
C SER A 54 15.07 3.95 23.02
N TYR A 55 15.82 4.90 23.59
CA TYR A 55 15.28 6.24 23.85
C TYR A 55 16.19 7.31 23.28
N ASP A 56 17.23 6.92 22.58
CA ASP A 56 18.14 7.91 22.10
C ASP A 56 18.23 7.69 20.63
N TYR A 57 17.09 7.36 20.05
CA TYR A 57 16.96 7.13 18.62
C TYR A 57 17.93 6.08 18.07
N GLY A 58 18.01 4.95 18.75
CA GLY A 58 18.74 3.81 18.23
C GLY A 58 20.21 3.83 18.56
N LYS A 59 20.63 4.75 19.44
CA LYS A 59 22.02 4.79 19.87
C LYS A 59 22.30 3.58 20.77
N SER A 60 21.30 3.21 21.56
CA SER A 60 21.43 2.12 22.53
C SER A 60 20.08 1.58 22.95
N PHE A 61 19.95 0.26 22.84
CA PHE A 61 18.71 -0.43 23.16
C PHE A 61 18.75 -1.09 24.51
N LYS A 62 17.66 -0.96 25.24
CA LYS A 62 17.53 -1.54 26.56
C LYS A 62 16.52 -2.70 26.52
N LYS A 63 16.99 -3.90 26.88
CA LYS A 63 16.17 -5.12 26.94
C LYS A 63 15.25 -5.09 28.13
N ILE A 64 13.98 -5.41 27.93
CA ILE A 64 13.01 -5.28 29.01
C ILE A 64 12.14 -6.54 29.20
N SER A 65 12.55 -7.64 28.58
CA SER A 65 11.80 -8.89 28.63
C SER A 65 11.37 -9.28 30.03
N ASP A 66 12.29 -9.07 30.98
CA ASP A 66 12.06 -9.37 32.39
C ASP A 66 10.94 -8.50 32.98
N LYS A 67 10.78 -7.26 32.51
CA LYS A 67 9.69 -6.40 32.97
C LYS A 67 8.32 -6.93 32.52
N LEU A 68 8.34 -7.79 31.50
CA LEU A 68 7.17 -8.57 31.15
C LEU A 68 7.17 -9.91 31.90
N ASN A 69 6.41 -9.92 32.99
CA ASN A 69 6.28 -11.09 33.85
C ASN A 69 4.92 -11.09 34.51
N PHE A 70 4.63 -12.17 35.22
CA PHE A 70 3.29 -12.40 35.72
C PHE A 70 3.01 -11.82 37.09
N GLY A 71 3.77 -10.78 37.42
CA GLY A 71 3.67 -10.16 38.73
C GLY A 71 4.38 -11.00 39.78
N LEU A 72 4.18 -10.63 41.03
CA LEU A 72 5.00 -11.14 42.11
C LEU A 72 4.26 -12.25 42.87
N GLY A 73 4.72 -13.49 42.80
CA GLY A 73 5.81 -13.93 41.94
C GLY A 73 5.37 -15.15 41.16
N ASN A 74 5.53 -15.11 39.84
CA ASN A 74 5.20 -16.24 38.98
C ASN A 74 6.45 -16.67 38.26
N ARG A 75 6.84 -17.92 38.44
CA ARG A 75 8.00 -18.44 37.74
C ARG A 75 7.65 -18.83 36.31
N SER A 76 6.36 -18.82 35.97
CA SER A 76 5.97 -19.10 34.60
C SER A 76 6.63 -18.03 33.73
N GLU A 77 7.18 -18.42 32.58
CA GLU A 77 7.88 -17.45 31.75
C GLU A 77 7.00 -16.89 30.64
N ALA A 78 6.95 -15.56 30.55
CA ALA A 78 6.13 -14.86 29.54
C ALA A 78 6.67 -15.00 28.13
N VAL A 79 5.76 -15.14 27.17
CA VAL A 79 6.10 -15.19 25.73
C VAL A 79 5.14 -14.35 24.88
N ILE A 80 5.68 -13.34 24.19
CA ILE A 80 4.92 -12.38 23.41
C ILE A 80 4.78 -12.77 21.93
N ALA A 81 3.53 -12.71 21.45
CA ALA A 81 3.20 -12.99 20.05
C ALA A 81 3.29 -11.72 19.24
N GLN A 82 2.63 -10.68 19.73
CA GLN A 82 2.56 -9.40 19.04
C GLN A 82 2.49 -8.28 20.03
N PHE A 83 2.83 -7.08 19.59
CA PHE A 83 2.61 -5.88 20.38
C PHE A 83 1.95 -4.82 19.52
N TYR A 84 1.14 -3.98 20.13
CA TYR A 84 0.22 -3.13 19.40
C TYR A 84 0.44 -1.73 19.86
N HIS A 85 0.45 -0.78 18.95
CA HIS A 85 0.62 0.63 19.31
C HIS A 85 -0.64 1.46 19.11
N SER A 86 -0.64 2.68 19.61
CA SER A 86 -1.80 3.53 19.43
C SER A 86 -1.56 4.58 18.38
N PRO A 87 -2.44 4.62 17.37
CA PRO A 87 -2.44 5.68 16.36
C PRO A 87 -2.74 7.01 17.01
N ALA A 88 -3.51 6.97 18.11
CA ALA A 88 -3.94 8.17 18.79
C ALA A 88 -2.88 8.71 19.73
N ASP A 89 -2.18 7.84 20.44
CA ASP A 89 -1.21 8.25 21.43
C ASP A 89 0.03 7.40 21.20
N ASN A 90 1.14 8.03 20.86
CA ASN A 90 2.31 7.23 20.53
C ASN A 90 3.05 6.77 21.78
N LYS A 91 2.64 7.25 22.95
CA LYS A 91 3.22 6.81 24.24
C LYS A 91 2.77 5.40 24.64
N ARG A 92 1.53 5.04 24.30
CA ARG A 92 0.91 3.78 24.73
C ARG A 92 1.29 2.57 23.93
N TYR A 93 1.40 1.45 24.62
CA TYR A 93 1.68 0.16 23.99
C TYR A 93 1.05 -1.01 24.72
N ILE A 94 0.74 -2.08 24.01
CA ILE A 94 0.14 -3.25 24.61
C ILE A 94 0.83 -4.49 24.08
N PHE A 95 1.31 -5.34 24.99
CA PHE A 95 1.93 -6.60 24.61
C PHE A 95 1.04 -7.73 25.04
N ALA A 96 1.00 -8.79 24.22
CA ALA A 96 0.07 -9.89 24.41
C ALA A 96 0.77 -11.25 24.49
N ASP A 97 0.47 -12.01 25.53
CA ASP A 97 1.13 -13.29 25.72
C ASP A 97 0.59 -14.27 24.71
N ALA A 98 1.49 -15.07 24.16
CA ALA A 98 1.12 -16.05 23.15
C ALA A 98 0.22 -17.11 23.76
N TYR A 99 0.43 -17.38 25.04
CA TYR A 99 -0.28 -18.46 25.72
C TYR A 99 -1.25 -17.98 26.76
N ALA A 100 -0.76 -17.17 27.68
CA ALA A 100 -1.56 -16.77 28.83
C ALA A 100 -2.62 -15.73 28.50
N GLN A 101 -3.81 -15.89 29.05
CA GLN A 101 -4.82 -14.89 28.81
C GLN A 101 -4.44 -13.65 29.60
N TYR A 102 -3.34 -13.05 29.17
CA TYR A 102 -2.68 -11.99 29.89
C TYR A 102 -2.18 -10.90 28.94
N LEU A 103 -2.21 -9.66 29.41
CA LEU A 103 -1.84 -8.51 28.62
C LEU A 103 -0.90 -7.64 29.41
N TRP A 104 -0.12 -6.79 28.75
CA TRP A 104 0.68 -5.79 29.44
C TRP A 104 0.49 -4.44 28.82
N ILE A 105 0.35 -3.40 29.63
CA ILE A 105 0.12 -2.07 29.07
C ILE A 105 1.09 -1.01 29.58
N THR A 106 1.16 0.13 28.89
CA THR A 106 2.11 1.23 29.18
C THR A 106 1.57 2.52 28.66
N PHE A 107 1.80 3.61 29.37
CA PHE A 107 1.46 4.93 28.84
C PHE A 107 2.69 5.80 28.92
N ASP A 108 3.84 5.17 29.06
CA ASP A 108 5.07 5.91 29.23
C ASP A 108 6.20 5.38 28.37
N PHE A 109 5.87 4.93 27.17
CA PHE A 109 6.90 4.53 26.25
C PHE A 109 7.64 3.33 26.81
N CYS A 110 6.96 2.56 27.63
CA CYS A 110 7.50 1.31 28.15
C CYS A 110 8.34 1.40 29.40
N ASN A 111 8.48 2.58 29.98
CA ASN A 111 9.20 2.67 31.26
C ASN A 111 8.55 1.79 32.30
N THR A 112 7.24 1.92 32.42
CA THR A 112 6.46 1.16 33.37
C THR A 112 5.40 0.35 32.67
N LEU A 113 5.48 -0.95 32.86
CA LEU A 113 4.52 -1.88 32.28
C LEU A 113 3.63 -2.45 33.37
N GLN A 114 2.34 -2.58 33.09
CA GLN A 114 1.44 -3.23 34.03
C GLN A 114 0.72 -4.44 33.46
N GLY A 115 0.83 -5.58 34.14
CA GLY A 115 0.16 -6.84 33.77
C GLY A 115 -1.30 -6.94 34.18
N PHE A 116 -2.10 -7.62 33.36
CA PHE A 116 -3.53 -7.90 33.61
C PHE A 116 -3.87 -9.23 32.98
N SER A 117 -4.65 -10.07 33.65
CA SER A 117 -5.24 -11.19 32.94
C SER A 117 -6.54 -10.69 32.32
N ILE A 118 -6.97 -11.39 31.28
CA ILE A 118 -8.13 -10.99 30.51
C ILE A 118 -8.92 -12.25 30.17
N PRO A 119 -10.22 -12.09 29.91
CA PRO A 119 -11.14 -13.23 29.72
C PRO A 119 -10.98 -14.01 28.40
N PHE A 120 -9.99 -13.69 27.59
CA PHE A 120 -9.77 -14.38 26.31
C PHE A 120 -8.29 -14.28 25.96
N ARG A 121 -7.87 -15.01 24.92
CA ARG A 121 -6.52 -14.81 24.43
C ARG A 121 -6.54 -13.72 23.37
N ALA A 122 -5.61 -12.78 23.47
CA ALA A 122 -5.52 -11.71 22.49
C ALA A 122 -4.78 -12.15 21.21
N ALA A 123 -5.42 -13.06 20.46
CA ALA A 123 -5.01 -13.46 19.10
C ALA A 123 -4.83 -12.21 18.24
N ASP A 124 -5.85 -11.37 18.26
CA ASP A 124 -5.85 -10.18 17.48
C ASP A 124 -6.53 -9.06 18.27
N LEU A 125 -5.86 -7.91 18.33
CA LEU A 125 -6.44 -6.69 18.86
C LEU A 125 -6.52 -5.60 17.81
N LEU A 126 -7.37 -4.60 18.03
CA LEU A 126 -7.55 -3.51 17.10
C LEU A 126 -7.84 -2.25 17.87
N LEU A 127 -6.88 -1.33 17.85
CA LEU A 127 -6.98 -0.14 18.68
C LEU A 127 -7.59 1.03 17.95
N HIS A 128 -8.67 1.60 18.47
CA HIS A 128 -9.22 2.78 17.83
C HIS A 128 -8.14 3.80 17.50
N SER A 129 -8.34 4.49 16.38
CA SER A 129 -7.30 5.36 15.84
C SER A 129 -7.40 6.81 16.28
N LYS A 130 -8.55 7.17 16.84
CA LYS A 130 -8.70 8.49 17.41
C LYS A 130 -8.83 8.42 18.95
N ALA A 131 -9.56 7.44 19.47
CA ALA A 131 -9.77 7.32 20.92
C ALA A 131 -8.78 6.37 21.59
N SER A 132 -7.69 6.93 22.10
CA SER A 132 -6.60 6.14 22.68
C SER A 132 -7.06 5.06 23.65
N ASN A 133 -8.04 5.38 24.50
CA ASN A 133 -8.57 4.44 25.51
C ASN A 133 -9.32 3.23 24.94
N LEU A 134 -9.81 3.38 23.71
CA LEU A 134 -10.76 2.44 23.11
C LEU A 134 -10.07 1.39 22.25
N LEU A 135 -10.52 0.13 22.34
CA LEU A 135 -10.00 -0.95 21.45
C LEU A 135 -10.84 -2.25 21.44
N LEU A 136 -10.58 -3.12 20.48
CA LEU A 136 -11.32 -4.39 20.37
C LEU A 136 -10.37 -5.57 20.39
N GLY A 137 -10.89 -6.72 20.76
CA GLY A 137 -10.07 -7.91 20.89
C GLY A 137 -10.83 -9.14 20.49
N PHE A 138 -10.18 -9.96 19.69
CA PHE A 138 -10.82 -11.09 19.06
C PHE A 138 -10.09 -12.36 19.40
N ASP A 139 -10.90 -13.36 19.74
CA ASP A 139 -10.41 -14.68 20.13
C ASP A 139 -10.81 -15.68 19.06
N ARG A 140 -9.93 -15.87 18.07
CA ARG A 140 -10.21 -16.68 16.89
C ARG A 140 -10.40 -18.15 17.26
N SER A 141 -9.56 -18.60 18.20
CA SER A 141 -9.52 -19.99 18.60
C SER A 141 -10.70 -20.39 19.48
N HIS A 142 -11.54 -19.43 19.85
CA HIS A 142 -12.76 -19.75 20.62
C HIS A 142 -13.75 -20.43 19.69
N PRO A 143 -14.45 -21.46 20.20
CA PRO A 143 -15.46 -22.16 19.42
C PRO A 143 -16.53 -21.20 18.91
N ASN A 144 -16.89 -20.21 19.71
CA ASN A 144 -17.87 -19.21 19.31
C ASN A 144 -17.29 -18.00 18.62
N LYS A 145 -15.98 -17.91 18.54
CA LYS A 145 -15.34 -16.80 17.85
C LYS A 145 -15.88 -15.45 18.37
N GLN A 146 -15.63 -15.21 19.66
CA GLN A 146 -16.18 -14.06 20.38
C GLN A 146 -15.35 -12.81 20.19
N LEU A 147 -16.04 -11.68 20.28
CA LEU A 147 -15.46 -10.38 20.10
C LEU A 147 -15.68 -9.53 21.35
N TRP A 148 -14.63 -8.85 21.81
CA TRP A 148 -14.66 -8.12 23.07
C TRP A 148 -14.25 -6.67 22.87
N LYS A 149 -14.80 -5.78 23.70
CA LYS A 149 -14.36 -4.38 23.72
C LYS A 149 -13.79 -4.03 25.07
N SER A 150 -12.79 -3.15 25.08
CA SER A 150 -12.26 -2.57 26.29
C SER A 150 -12.36 -1.07 26.19
N ASP A 151 -12.57 -0.46 27.35
CA ASP A 151 -12.87 0.94 27.35
C ASP A 151 -11.80 1.69 28.07
N ASP A 152 -10.83 0.97 28.58
CA ASP A 152 -9.85 1.57 29.45
C ASP A 152 -8.48 1.07 29.03
N PHE A 153 -8.29 0.95 27.72
CA PHE A 153 -7.02 0.52 27.18
C PHE A 153 -6.61 -0.85 27.68
N GLY A 154 -7.59 -1.72 27.86
CA GLY A 154 -7.31 -3.15 27.96
C GLY A 154 -7.25 -3.79 29.32
N GLN A 155 -7.73 -3.09 30.35
CA GLN A 155 -7.80 -3.63 31.71
C GLN A 155 -9.08 -4.43 31.90
N THR A 156 -10.21 -3.79 31.62
CA THR A 156 -11.50 -4.46 31.71
C THR A 156 -12.13 -4.58 30.32
N TRP A 157 -12.77 -5.72 30.08
CA TRP A 157 -13.36 -6.10 28.80
C TRP A 157 -14.83 -6.53 28.90
N ILE A 158 -15.60 -6.33 27.84
CA ILE A 158 -16.93 -6.92 27.79
C ILE A 158 -17.11 -7.59 26.43
N MET A 159 -17.71 -8.77 26.42
CA MET A 159 -17.83 -9.49 25.19
C MET A 159 -19.12 -9.08 24.50
N ILE A 160 -19.01 -8.53 23.29
CA ILE A 160 -20.14 -7.87 22.66
C ILE A 160 -20.74 -8.55 21.44
N GLN A 161 -20.11 -9.60 20.94
CA GLN A 161 -20.64 -10.34 19.78
C GLN A 161 -20.07 -11.74 19.65
N GLU A 162 -20.86 -12.66 19.10
CA GLU A 162 -20.36 -14.00 18.82
C GLU A 162 -20.46 -14.37 17.34
N HIS A 163 -19.66 -15.33 16.94
CA HIS A 163 -19.64 -15.82 15.57
C HIS A 163 -19.14 -14.75 14.61
N VAL A 164 -18.12 -14.02 15.04
CA VAL A 164 -17.56 -13.02 14.17
C VAL A 164 -16.58 -13.68 13.20
N LYS A 165 -16.74 -13.34 11.93
CA LYS A 165 -15.76 -13.74 10.92
C LYS A 165 -14.70 -12.66 10.84
N SER A 166 -15.11 -11.40 10.75
CA SER A 166 -14.17 -10.29 10.72
C SER A 166 -14.85 -9.07 11.24
N PHE A 167 -14.07 -8.00 11.41
CA PHE A 167 -14.56 -6.79 12.02
C PHE A 167 -13.58 -5.65 11.85
N SER A 168 -14.08 -4.43 11.97
CA SER A 168 -13.24 -3.24 11.94
C SER A 168 -13.98 -2.04 12.51
N TRP A 169 -13.22 -1.03 12.89
CA TRP A 169 -13.82 0.23 13.26
C TRP A 169 -14.31 0.85 11.99
N GLY A 170 -15.17 1.85 12.11
CA GLY A 170 -15.59 2.62 10.94
C GLY A 170 -14.51 3.60 10.56
N ILE A 171 -14.85 4.54 9.67
CA ILE A 171 -13.86 5.53 9.23
C ILE A 171 -14.42 6.94 9.31
N ASP A 172 -13.65 7.82 9.93
CA ASP A 172 -14.00 9.21 9.97
C ASP A 172 -13.76 9.84 8.60
N PRO A 173 -14.66 10.73 8.16
CA PRO A 173 -15.88 11.07 8.88
C PRO A 173 -17.14 10.36 8.34
N TYR A 174 -16.95 9.46 7.40
CA TYR A 174 -18.08 8.80 6.73
C TYR A 174 -18.96 8.01 7.71
N ASP A 175 -18.35 7.32 8.65
CA ASP A 175 -19.08 6.63 9.68
C ASP A 175 -19.12 7.45 10.96
N LYS A 176 -20.14 7.22 11.76
CA LYS A 176 -20.27 7.87 13.08
C LYS A 176 -19.13 7.40 13.98
N PRO A 177 -18.95 8.07 15.13
CA PRO A 177 -18.03 7.57 16.18
C PRO A 177 -18.52 6.26 16.82
N ASN A 178 -17.59 5.37 17.20
CA ASN A 178 -17.90 4.03 17.74
C ASN A 178 -18.47 3.02 16.78
N THR A 179 -18.56 3.40 15.52
CA THR A 179 -19.06 2.52 14.48
C THR A 179 -18.14 1.31 14.38
N ILE A 180 -18.75 0.13 14.45
CA ILE A 180 -18.03 -1.09 14.24
C ILE A 180 -18.69 -1.88 13.13
N TYR A 181 -17.91 -2.34 12.15
CA TYR A 181 -18.47 -3.23 11.14
C TYR A 181 -18.13 -4.64 11.51
N ILE A 182 -19.01 -5.59 11.22
CA ILE A 182 -18.66 -7.02 11.35
C ILE A 182 -19.25 -7.92 10.26
N GLU A 183 -18.50 -8.96 9.87
CA GLU A 183 -19.07 -10.11 9.17
C GLU A 183 -19.40 -11.07 10.28
N ARG A 184 -20.63 -11.57 10.34
CA ARG A 184 -20.93 -12.64 11.27
C ARG A 184 -21.31 -13.90 10.53
N HIS A 185 -20.81 -15.05 11.01
CA HIS A 185 -20.95 -16.32 10.31
C HIS A 185 -22.39 -16.71 10.22
N GLU A 186 -22.76 -17.38 9.15
CA GLU A 186 -24.12 -17.90 9.02
C GLU A 186 -24.10 -19.39 8.75
N PRO A 187 -25.21 -20.10 8.99
CA PRO A 187 -25.19 -21.54 8.71
C PRO A 187 -25.00 -21.92 7.25
N SER A 188 -25.37 -21.06 6.31
CA SER A 188 -24.88 -21.25 4.96
C SER A 188 -23.39 -21.04 5.03
N GLY A 189 -22.64 -21.46 4.02
CA GLY A 189 -21.22 -21.06 4.01
C GLY A 189 -21.01 -19.60 4.46
N TYR A 190 -21.89 -18.70 4.01
CA TYR A 190 -21.67 -17.25 4.03
C TYR A 190 -21.92 -16.54 5.36
N SER A 191 -21.83 -15.21 5.33
CA SER A 191 -21.94 -14.38 6.52
C SER A 191 -22.77 -13.13 6.28
N THR A 192 -23.28 -12.55 7.36
CA THR A 192 -24.06 -11.31 7.31
C THR A 192 -23.22 -10.16 7.83
N VAL A 193 -23.31 -9.03 7.14
CA VAL A 193 -22.59 -7.82 7.51
C VAL A 193 -23.44 -6.82 8.32
N PHE A 194 -22.95 -6.51 9.53
CA PHE A 194 -23.60 -5.58 10.44
C PHE A 194 -22.79 -4.34 10.71
N ARG A 195 -23.50 -3.27 10.99
CA ARG A 195 -22.93 -2.03 11.48
C ARG A 195 -23.60 -1.70 12.83
N SER A 196 -22.82 -1.30 13.83
CA SER A 196 -23.36 -0.89 15.14
C SER A 196 -22.66 0.32 15.76
N THR A 197 -23.47 1.23 16.28
CA THR A 197 -22.93 2.46 16.85
C THR A 197 -22.84 2.41 18.36
N ASP A 198 -23.43 1.38 18.95
CA ASP A 198 -23.44 1.27 20.41
C ASP A 198 -22.86 -0.04 20.92
N PHE A 199 -21.93 -0.63 20.16
CA PHE A 199 -21.29 -1.87 20.58
C PHE A 199 -22.32 -2.96 20.75
N PHE A 200 -23.26 -2.99 19.80
CA PHE A 200 -24.18 -4.09 19.68
C PHE A 200 -24.94 -4.30 20.98
N GLN A 201 -25.42 -3.20 21.54
CA GLN A 201 -26.14 -3.22 22.78
C GLN A 201 -27.64 -3.12 22.56
N SER A 202 -28.05 -2.27 21.63
CA SER A 202 -29.45 -2.05 21.27
C SER A 202 -29.72 -2.64 19.91
N ARG A 203 -30.96 -3.05 19.67
CA ARG A 203 -31.25 -3.55 18.34
C ARG A 203 -31.51 -2.40 17.35
N GLU A 204 -31.91 -1.25 17.86
CA GLU A 204 -32.23 -0.14 16.96
C GLU A 204 -30.97 0.58 16.49
N ASN A 205 -29.85 0.29 17.13
CA ASN A 205 -28.58 0.82 16.67
C ASN A 205 -27.68 -0.17 15.95
N GLN A 206 -28.30 -1.23 15.49
CA GLN A 206 -27.63 -2.27 14.75
C GLN A 206 -28.27 -2.21 13.38
N GLU A 207 -27.48 -2.34 12.33
CA GLU A 207 -27.96 -2.15 10.97
C GLU A 207 -27.41 -3.18 10.01
N VAL A 208 -28.30 -3.82 9.24
CA VAL A 208 -27.82 -4.83 8.31
C VAL A 208 -27.36 -4.17 7.02
N ILE A 209 -26.12 -4.47 6.63
CA ILE A 209 -25.52 -3.84 5.46
C ILE A 209 -25.72 -4.68 4.20
N LEU A 210 -25.54 -5.99 4.33
CA LEU A 210 -25.70 -6.91 3.21
C LEU A 210 -25.73 -8.31 3.72
N GLU A 211 -26.52 -9.19 3.11
CA GLU A 211 -26.68 -10.54 3.64
C GLU A 211 -25.96 -11.58 2.78
N GLU A 212 -25.61 -12.72 3.37
CA GLU A 212 -25.03 -13.85 2.62
C GLU A 212 -23.80 -13.46 1.76
N VAL A 213 -22.77 -12.94 2.43
CA VAL A 213 -21.56 -12.52 1.72
C VAL A 213 -20.40 -13.47 1.94
N ARG A 214 -19.47 -13.48 0.99
CA ARG A 214 -18.29 -14.31 1.08
C ARG A 214 -17.18 -13.58 1.81
N ASP A 215 -16.83 -12.39 1.34
CA ASP A 215 -15.90 -11.51 2.06
C ASP A 215 -16.61 -10.17 2.18
N PHE A 216 -16.04 -9.25 2.95
CA PHE A 216 -16.51 -7.87 3.00
C PHE A 216 -15.31 -7.00 3.32
N GLN A 217 -15.26 -5.80 2.77
CA GLN A 217 -14.11 -4.95 2.97
C GLN A 217 -14.49 -3.50 3.06
N LEU A 218 -13.76 -2.74 3.85
CA LEU A 218 -14.07 -1.34 4.05
C LEU A 218 -12.93 -0.50 3.55
N ARG A 219 -13.17 0.51 2.71
CA ARG A 219 -12.05 1.33 2.19
C ARG A 219 -12.38 2.78 1.86
N ASP A 220 -12.22 3.66 2.84
CA ASP A 220 -12.60 5.07 2.67
C ASP A 220 -14.08 5.17 2.31
N LYS A 221 -14.40 5.89 1.24
CA LYS A 221 -15.78 6.09 0.83
C LYS A 221 -16.48 4.79 0.44
N TYR A 222 -15.70 3.86 -0.12
CA TYR A 222 -16.19 2.58 -0.57
C TYR A 222 -16.33 1.51 0.48
N MET A 223 -17.35 0.67 0.30
CA MET A 223 -17.45 -0.64 0.93
C MET A 223 -17.70 -1.65 -0.19
N PHE A 224 -17.07 -2.82 -0.10
CA PHE A 224 -17.15 -3.87 -1.08
C PHE A 224 -17.52 -5.20 -0.44
N ALA A 225 -18.26 -6.02 -1.15
CA ALA A 225 -18.47 -7.41 -0.72
C ALA A 225 -18.65 -8.30 -1.94
N THR A 226 -18.41 -9.59 -1.75
CA THR A 226 -18.69 -10.57 -2.77
C THR A 226 -19.83 -11.47 -2.36
N LYS A 227 -20.80 -11.58 -3.26
CA LYS A 227 -21.99 -12.39 -3.04
C LYS A 227 -22.03 -13.51 -4.05
N VAL A 228 -22.34 -14.70 -3.56
CA VAL A 228 -22.62 -15.80 -4.47
C VAL A 228 -24.13 -16.01 -4.56
N VAL A 229 -24.68 -15.74 -5.74
CA VAL A 229 -26.11 -15.78 -5.92
C VAL A 229 -26.47 -17.03 -6.70
N HIS A 230 -27.58 -17.70 -6.34
CA HIS A 230 -28.06 -18.83 -7.14
C HIS A 230 -29.22 -18.47 -8.05
N LEU A 231 -28.88 -17.97 -9.23
CA LEU A 231 -29.88 -17.41 -10.11
C LEU A 231 -30.77 -18.44 -10.77
N LEU A 232 -30.15 -19.44 -11.40
CA LEU A 232 -30.92 -20.46 -12.08
C LEU A 232 -31.61 -21.34 -11.04
N GLY A 233 -31.01 -21.44 -9.86
CA GLY A 233 -31.52 -22.27 -8.77
C GLY A 233 -30.38 -23.11 -8.24
N SER A 234 -30.72 -24.14 -7.49
CA SER A 234 -29.72 -25.07 -6.96
C SER A 234 -29.00 -25.83 -8.09
N GLU A 235 -29.78 -26.29 -9.06
CA GLU A 235 -29.24 -27.12 -10.12
C GLU A 235 -28.31 -26.31 -11.02
N GLN A 236 -28.63 -25.05 -11.24
CA GLN A 236 -27.85 -24.18 -12.13
C GLN A 236 -26.58 -23.56 -11.53
N GLN A 237 -25.74 -23.06 -12.45
CA GLN A 237 -24.55 -22.27 -12.17
C GLN A 237 -24.85 -21.11 -11.22
N SER A 238 -24.08 -21.01 -10.15
CA SER A 238 -24.16 -19.87 -9.27
C SER A 238 -23.48 -18.72 -9.98
N SER A 239 -23.90 -17.51 -9.70
CA SER A 239 -23.23 -16.33 -10.22
C SER A 239 -22.52 -15.64 -9.05
N VAL A 240 -21.27 -15.23 -9.25
CA VAL A 240 -20.53 -14.50 -8.23
C VAL A 240 -20.54 -13.02 -8.52
N GLN A 241 -21.00 -12.22 -7.58
CA GLN A 241 -21.18 -10.80 -7.85
C GLN A 241 -20.38 -9.88 -6.94
N LEU A 242 -20.11 -8.68 -7.43
CA LEU A 242 -19.41 -7.71 -6.61
C LEU A 242 -20.35 -6.59 -6.23
N TRP A 243 -20.59 -6.44 -4.94
CA TRP A 243 -21.48 -5.38 -4.44
C TRP A 243 -20.69 -4.20 -3.90
N VAL A 244 -21.21 -2.99 -4.11
CA VAL A 244 -20.45 -1.78 -3.88
C VAL A 244 -21.29 -0.66 -3.31
N SER A 245 -20.77 0.02 -2.28
CA SER A 245 -21.34 1.27 -1.79
C SER A 245 -20.34 2.38 -1.86
N PHE A 246 -20.76 3.50 -2.42
CA PHE A 246 -19.97 4.72 -2.36
C PHE A 246 -20.69 5.73 -1.51
N GLY A 247 -19.96 6.36 -0.59
CA GLY A 247 -20.53 7.36 0.31
C GLY A 247 -21.58 6.76 1.20
N ARG A 248 -21.46 5.46 1.47
CA ARG A 248 -22.36 4.84 2.42
C ARG A 248 -23.80 4.73 1.94
N LYS A 249 -24.06 4.98 0.65
CA LYS A 249 -25.36 4.63 0.09
C LYS A 249 -25.46 3.13 0.19
N PRO A 250 -26.68 2.58 0.10
CA PRO A 250 -26.83 1.11 0.18
C PRO A 250 -26.05 0.41 -0.93
N MET A 251 -25.53 -0.76 -0.62
CA MET A 251 -24.72 -1.47 -1.59
C MET A 251 -25.57 -1.95 -2.73
N ARG A 252 -25.06 -1.83 -3.95
CA ARG A 252 -25.77 -2.38 -5.09
C ARG A 252 -24.76 -3.20 -5.85
N ALA A 253 -25.23 -4.13 -6.67
CA ALA A 253 -24.32 -4.98 -7.42
C ALA A 253 -23.77 -4.24 -8.65
N ALA A 254 -22.46 -4.36 -8.85
CA ALA A 254 -21.76 -3.67 -9.91
C ALA A 254 -21.94 -4.43 -11.19
N GLN A 255 -21.84 -3.70 -12.28
CA GLN A 255 -22.10 -4.26 -13.60
C GLN A 255 -20.79 -4.51 -14.32
N PHE A 256 -20.61 -5.75 -14.77
CA PHE A 256 -19.42 -6.14 -15.53
C PHE A 256 -19.74 -6.71 -16.89
N VAL A 257 -19.10 -6.12 -17.90
CA VAL A 257 -19.19 -6.56 -19.30
C VAL A 257 -18.22 -7.73 -19.59
N THR A 258 -18.74 -8.96 -19.71
CA THR A 258 -17.85 -10.12 -19.63
C THR A 258 -18.17 -11.33 -20.51
N ARG A 259 -17.17 -11.75 -21.29
CA ARG A 259 -17.21 -13.03 -22.02
C ARG A 259 -17.55 -14.14 -21.03
N HIS A 260 -16.73 -14.26 -19.99
CA HIS A 260 -16.71 -15.44 -19.17
C HIS A 260 -17.31 -15.25 -17.80
N PRO A 261 -17.71 -16.37 -17.15
CA PRO A 261 -18.05 -16.43 -15.75
C PRO A 261 -16.93 -15.91 -14.86
N ILE A 262 -17.31 -15.00 -13.98
CA ILE A 262 -16.40 -14.43 -13.03
C ILE A 262 -16.34 -15.30 -11.80
N ASN A 263 -15.13 -15.56 -11.37
CA ASN A 263 -14.85 -16.55 -10.37
C ASN A 263 -14.57 -15.89 -9.01
N GLU A 264 -13.87 -14.75 -9.03
CA GLU A 264 -13.66 -13.95 -7.81
C GLU A 264 -13.21 -12.53 -8.12
N TYR A 265 -13.22 -11.66 -7.10
CA TYR A 265 -12.85 -10.25 -7.29
C TYR A 265 -11.82 -9.88 -6.27
N TYR A 266 -10.93 -8.96 -6.62
CA TYR A 266 -9.94 -8.45 -5.69
C TYR A 266 -9.81 -6.97 -5.87
N ILE A 267 -9.90 -6.26 -4.75
CA ILE A 267 -9.82 -4.81 -4.79
C ILE A 267 -8.37 -4.44 -4.77
N ALA A 268 -7.90 -3.89 -5.88
CA ALA A 268 -6.48 -3.62 -6.02
C ALA A 268 -6.13 -2.23 -5.56
N ASP A 269 -7.05 -1.29 -5.74
CA ASP A 269 -6.81 0.06 -5.27
C ASP A 269 -8.07 0.91 -5.31
N ALA A 270 -8.16 1.86 -4.39
CA ALA A 270 -9.34 2.68 -4.27
C ALA A 270 -8.90 4.09 -4.01
N SER A 271 -9.00 4.98 -5.00
CA SER A 271 -8.56 6.33 -4.76
C SER A 271 -9.25 7.36 -5.61
N GLU A 272 -9.61 8.49 -5.01
CA GLU A 272 -10.16 9.62 -5.74
C GLU A 272 -11.47 9.21 -6.33
N ASP A 273 -12.21 8.43 -5.57
CA ASP A 273 -13.56 8.14 -5.94
C ASP A 273 -13.58 7.19 -7.11
N GLN A 274 -12.53 6.39 -7.27
CA GLN A 274 -12.44 5.48 -8.41
C GLN A 274 -11.82 4.17 -7.95
N VAL A 275 -12.18 3.05 -8.57
CA VAL A 275 -11.73 1.78 -8.06
C VAL A 275 -11.10 0.87 -9.10
N PHE A 276 -9.98 0.24 -8.74
CA PHE A 276 -9.40 -0.78 -9.57
C PHE A 276 -9.76 -2.11 -8.99
N VAL A 277 -10.41 -2.96 -9.80
CA VAL A 277 -10.76 -4.31 -9.36
C VAL A 277 -10.15 -5.32 -10.30
N CYS A 278 -9.63 -6.39 -9.70
CA CYS A 278 -9.16 -7.53 -10.47
C CYS A 278 -10.25 -8.57 -10.49
N VAL A 279 -10.78 -8.77 -11.68
CA VAL A 279 -11.75 -9.81 -11.93
C VAL A 279 -11.00 -11.03 -12.43
N SER A 280 -11.03 -12.11 -11.69
CA SER A 280 -10.44 -13.30 -12.24
C SER A 280 -11.52 -14.31 -12.63
N HIS A 281 -11.30 -14.95 -13.77
CA HIS A 281 -12.21 -15.93 -14.29
C HIS A 281 -11.77 -17.33 -13.92
N SER A 282 -12.66 -18.28 -14.18
CA SER A 282 -12.46 -19.69 -13.79
C SER A 282 -11.38 -20.38 -14.63
N ASN A 283 -10.88 -19.68 -15.63
CA ASN A 283 -9.75 -20.16 -16.40
C ASN A 283 -8.42 -19.60 -15.92
N ASN A 284 -8.39 -18.98 -14.75
CA ASN A 284 -7.13 -18.47 -14.19
C ASN A 284 -6.56 -17.24 -14.90
N ARG A 285 -7.29 -16.71 -15.86
CA ARG A 285 -6.98 -15.38 -16.38
C ARG A 285 -7.54 -14.27 -15.44
N THR A 286 -6.78 -13.19 -15.23
CA THR A 286 -7.29 -12.07 -14.46
C THR A 286 -7.16 -10.76 -15.21
N ASN A 287 -8.25 -10.03 -15.38
CA ASN A 287 -8.14 -8.69 -15.96
C ASN A 287 -8.53 -7.62 -14.97
N LEU A 288 -8.17 -6.40 -15.33
CA LEU A 288 -8.28 -5.27 -14.44
C LEU A 288 -9.31 -4.29 -14.95
N TYR A 289 -10.30 -4.03 -14.11
CA TYR A 289 -11.32 -3.04 -14.42
C TYR A 289 -11.12 -1.77 -13.60
N ILE A 290 -11.72 -0.69 -14.08
CA ILE A 290 -11.63 0.57 -13.40
C ILE A 290 -13.05 1.11 -13.25
N SER A 291 -13.39 1.53 -12.05
CA SER A 291 -14.68 2.15 -11.73
C SER A 291 -14.81 3.51 -12.41
N GLU A 292 -16.03 3.87 -12.78
CA GLU A 292 -16.35 5.25 -13.14
C GLU A 292 -16.13 6.04 -11.87
N ALA A 293 -15.99 7.36 -11.94
CA ALA A 293 -15.83 8.08 -10.68
C ALA A 293 -17.13 8.11 -9.89
N GLU A 294 -17.06 7.72 -8.62
CA GLU A 294 -18.22 7.69 -7.72
C GLU A 294 -19.26 6.68 -8.18
N GLY A 295 -18.87 5.70 -8.99
CA GLY A 295 -19.82 4.88 -9.72
C GLY A 295 -19.59 3.38 -9.57
N LEU A 296 -20.50 2.61 -10.17
CA LEU A 296 -20.44 1.13 -10.24
C LEU A 296 -20.22 0.63 -11.65
N LYS A 297 -19.85 1.57 -12.53
CA LYS A 297 -19.75 1.29 -13.96
C LYS A 297 -18.30 0.92 -14.28
N PHE A 298 -18.04 -0.38 -14.26
CA PHE A 298 -16.71 -0.86 -14.51
C PHE A 298 -16.41 -1.19 -15.96
N SER A 299 -15.30 -0.66 -16.47
CA SER A 299 -14.83 -0.98 -17.81
C SER A 299 -13.39 -1.48 -17.83
N LEU A 300 -13.12 -2.36 -18.79
CA LEU A 300 -11.87 -3.08 -18.89
C LEU A 300 -10.70 -2.13 -19.07
N SER A 301 -9.62 -2.37 -18.33
CA SER A 301 -8.45 -1.50 -18.40
C SER A 301 -7.21 -2.21 -18.89
N LEU A 302 -7.00 -3.43 -18.43
CA LEU A 302 -5.78 -4.13 -18.77
C LEU A 302 -6.03 -5.59 -18.57
N GLU A 303 -5.53 -6.42 -19.46
CA GLU A 303 -5.85 -7.84 -19.40
C GLU A 303 -4.66 -8.65 -19.00
N ASN A 304 -4.92 -9.71 -18.27
CA ASN A 304 -3.87 -10.65 -17.95
C ASN A 304 -2.88 -10.14 -16.97
N VAL A 305 -3.38 -9.39 -15.99
CA VAL A 305 -2.57 -8.98 -14.87
C VAL A 305 -2.07 -10.17 -14.10
N LEU A 306 -0.83 -10.10 -13.63
CA LEU A 306 -0.28 -11.19 -12.84
C LEU A 306 -0.95 -11.16 -11.50
N TYR A 307 -1.53 -12.30 -11.11
CA TYR A 307 -2.33 -12.38 -9.88
C TYR A 307 -2.20 -13.74 -9.18
N TYR A 308 -2.30 -13.73 -7.86
CA TYR A 308 -2.29 -14.93 -7.04
C TYR A 308 -3.56 -14.97 -6.25
N SER A 309 -4.16 -16.14 -6.16
CA SER A 309 -5.19 -16.36 -5.16
C SER A 309 -5.12 -17.78 -4.64
N PRO A 310 -5.29 -17.97 -3.32
CA PRO A 310 -5.18 -19.29 -2.71
C PRO A 310 -6.26 -20.19 -3.27
N GLY A 311 -7.45 -19.63 -3.49
CA GLY A 311 -8.49 -20.34 -4.20
C GLY A 311 -8.06 -20.57 -5.64
N GLY A 312 -7.56 -19.52 -6.28
CA GLY A 312 -7.43 -19.52 -7.74
C GLY A 312 -6.06 -19.77 -8.36
N ALA A 313 -5.59 -18.78 -9.10
CA ALA A 313 -4.37 -18.90 -9.89
C ALA A 313 -3.17 -18.88 -8.97
N GLY A 314 -2.12 -19.55 -9.41
CA GLY A 314 -0.84 -19.57 -8.70
C GLY A 314 -0.91 -20.38 -7.42
N SER A 315 -2.09 -20.92 -7.16
CA SER A 315 -2.41 -21.65 -5.93
C SER A 315 -1.52 -22.86 -5.75
N ASP A 316 -1.19 -23.47 -6.88
CA ASP A 316 -0.37 -24.65 -6.92
C ASP A 316 1.14 -24.36 -7.13
N THR A 317 1.61 -23.19 -6.70
CA THR A 317 3.05 -22.92 -6.68
C THR A 317 3.54 -22.55 -5.32
N LEU A 318 4.81 -22.18 -5.29
CA LEU A 318 5.53 -21.85 -4.07
C LEU A 318 4.83 -20.76 -3.27
N VAL A 319 4.20 -19.84 -3.99
CA VAL A 319 3.65 -18.65 -3.37
C VAL A 319 2.79 -19.01 -2.18
N ARG A 320 2.12 -20.16 -2.26
CA ARG A 320 1.16 -20.53 -1.25
C ARG A 320 1.81 -20.63 0.11
N TYR A 321 3.08 -21.00 0.15
CA TYR A 321 3.80 -21.09 1.41
C TYR A 321 4.14 -19.73 1.99
N PHE A 322 3.81 -18.64 1.29
CA PHE A 322 4.11 -17.29 1.77
C PHE A 322 2.96 -16.30 1.74
N ALA A 323 1.81 -16.70 1.21
CA ALA A 323 0.70 -15.77 1.12
C ALA A 323 -0.59 -16.52 1.24
N ASN A 324 -1.44 -16.06 2.15
CA ASN A 324 -2.66 -16.78 2.50
C ASN A 324 -3.84 -15.88 2.25
N GLU A 325 -3.66 -15.02 1.25
CA GLU A 325 -4.61 -13.99 0.92
C GLU A 325 -4.25 -13.49 -0.48
N PRO A 326 -5.22 -13.40 -1.39
CA PRO A 326 -4.89 -13.06 -2.76
C PRO A 326 -4.32 -11.64 -2.92
N PHE A 327 -3.49 -11.43 -3.95
CA PHE A 327 -2.94 -10.13 -4.31
C PHE A 327 -2.44 -10.10 -5.75
N ALA A 328 -2.04 -8.92 -6.23
CA ALA A 328 -1.58 -8.77 -7.59
C ALA A 328 -0.29 -7.95 -7.67
N ASP A 329 0.46 -8.14 -8.73
CA ASP A 329 1.65 -7.35 -8.89
C ASP A 329 1.20 -6.09 -9.59
N PHE A 330 0.59 -5.22 -8.80
CA PHE A 330 0.02 -3.99 -9.27
C PHE A 330 0.41 -2.91 -8.27
N HIS A 331 0.93 -1.78 -8.73
CA HIS A 331 1.51 -0.78 -7.82
C HIS A 331 0.95 0.60 -7.99
N ARG A 332 0.51 1.23 -6.90
CA ARG A 332 0.22 2.65 -6.95
C ARG A 332 1.45 3.46 -6.59
N VAL A 333 1.92 4.28 -7.53
CA VAL A 333 2.97 5.26 -7.25
C VAL A 333 2.35 6.26 -6.30
N GLU A 334 2.83 6.22 -5.06
CA GLU A 334 2.21 6.92 -3.93
C GLU A 334 2.34 8.43 -4.03
N GLY A 335 1.31 9.12 -3.58
CA GLY A 335 1.29 10.57 -3.61
C GLY A 335 0.95 11.14 -4.97
N LEU A 336 0.62 10.27 -5.93
CA LEU A 336 0.25 10.74 -7.24
C LEU A 336 -1.10 10.15 -7.58
N GLN A 337 -1.83 10.77 -8.48
CA GLN A 337 -3.15 10.27 -8.73
C GLN A 337 -3.27 9.17 -9.76
N GLY A 338 -2.72 9.37 -10.93
CA GLY A 338 -3.00 8.45 -12.03
C GLY A 338 -1.95 7.44 -12.46
N VAL A 339 -0.92 7.24 -11.65
CA VAL A 339 0.23 6.46 -12.12
C VAL A 339 0.31 5.12 -11.43
N TYR A 340 0.32 4.07 -12.22
CA TYR A 340 0.39 2.69 -11.70
C TYR A 340 1.33 1.81 -12.54
N ILE A 341 1.91 0.80 -11.90
CA ILE A 341 2.77 -0.14 -12.60
C ILE A 341 2.28 -1.58 -12.40
N ALA A 342 2.03 -2.28 -13.52
CA ALA A 342 1.56 -3.67 -13.43
C ALA A 342 2.44 -4.71 -14.13
N THR A 343 2.50 -5.91 -13.57
CA THR A 343 3.16 -7.02 -14.22
C THR A 343 2.09 -7.82 -14.98
N LEU A 344 2.24 -7.91 -16.31
CA LEU A 344 1.41 -8.79 -17.19
C LEU A 344 1.91 -10.20 -17.28
N ILE A 345 1.03 -11.16 -17.51
CA ILE A 345 1.47 -12.52 -17.68
C ILE A 345 0.95 -13.05 -19.00
N ASN A 346 1.85 -13.66 -19.78
CA ASN A 346 1.52 -14.15 -21.12
C ASN A 346 1.23 -15.63 -21.09
N GLY A 347 2.25 -16.43 -20.82
CA GLY A 347 2.06 -17.89 -20.78
C GLY A 347 1.80 -18.39 -19.39
N SER A 348 2.53 -19.42 -18.98
CA SER A 348 2.44 -19.89 -17.61
C SER A 348 3.33 -19.02 -16.71
N MET A 349 3.12 -19.17 -15.41
CA MET A 349 3.78 -18.32 -14.44
C MET A 349 5.26 -18.59 -14.23
N ASN A 350 6.10 -17.94 -15.02
CA ASN A 350 7.53 -17.78 -14.70
C ASN A 350 8.11 -16.57 -15.44
N GLU A 351 9.28 -16.12 -14.97
CA GLU A 351 9.82 -14.82 -15.34
C GLU A 351 9.63 -14.56 -16.81
N GLU A 352 9.86 -15.59 -17.61
CA GLU A 352 9.91 -15.46 -19.07
C GLU A 352 8.67 -14.84 -19.63
N ASN A 353 7.57 -14.99 -18.90
CA ASN A 353 6.28 -14.59 -19.44
C ASN A 353 5.75 -13.29 -18.91
N MET A 354 6.50 -12.66 -18.03
CA MET A 354 6.07 -11.43 -17.38
C MET A 354 6.65 -10.20 -18.06
N ARG A 355 5.83 -9.20 -18.30
CA ARG A 355 6.33 -7.91 -18.78
C ARG A 355 5.64 -6.79 -17.97
N SER A 356 6.32 -5.68 -17.80
CA SER A 356 5.78 -4.59 -16.99
C SER A 356 5.17 -3.55 -17.89
N VAL A 357 4.02 -3.02 -17.46
CA VAL A 357 3.43 -1.87 -18.12
C VAL A 357 3.04 -0.76 -17.17
N ILE A 358 2.91 0.45 -17.70
CA ILE A 358 2.66 1.61 -16.88
C ILE A 358 1.56 2.52 -17.44
N THR A 359 0.81 3.15 -16.54
CA THR A 359 -0.20 4.10 -16.96
C THR A 359 -0.06 5.40 -16.23
N PHE A 360 -0.40 6.49 -16.90
CA PHE A 360 -0.38 7.79 -16.23
C PHE A 360 -1.78 8.40 -16.13
N ASP A 361 -2.78 7.71 -16.64
CA ASP A 361 -4.13 8.26 -16.70
C ASP A 361 -5.14 7.43 -15.94
N LYS A 362 -4.67 6.79 -14.89
CA LYS A 362 -5.51 6.02 -14.01
C LYS A 362 -6.12 4.93 -14.84
N GLY A 363 -5.32 4.39 -15.73
CA GLY A 363 -5.69 3.14 -16.36
C GLY A 363 -6.45 3.31 -17.67
N GLY A 364 -6.55 4.56 -18.13
CA GLY A 364 -7.09 4.85 -19.44
C GLY A 364 -6.27 4.21 -20.55
N THR A 365 -4.95 4.34 -20.45
CA THR A 365 -4.04 3.75 -21.44
C THR A 365 -2.81 3.15 -20.77
N TRP A 366 -2.11 2.27 -21.46
CA TRP A 366 -0.95 1.60 -20.89
C TRP A 366 0.22 1.61 -21.86
N GLU A 367 1.44 1.70 -21.36
CA GLU A 367 2.61 1.63 -22.21
C GLU A 367 3.60 0.73 -21.56
N PHE A 368 4.55 0.24 -22.35
CA PHE A 368 5.71 -0.38 -21.73
C PHE A 368 6.70 0.69 -21.26
N LEU A 369 7.58 0.25 -20.38
CA LEU A 369 8.50 1.15 -19.72
C LEU A 369 9.76 1.38 -20.53
N GLN A 370 10.03 2.64 -20.84
CA GLN A 370 11.12 2.99 -21.72
C GLN A 370 12.45 2.77 -21.03
N ALA A 371 13.26 1.83 -21.52
CA ALA A 371 14.51 1.48 -20.81
C ALA A 371 15.51 2.63 -20.80
N PRO A 372 16.41 2.64 -19.81
CA PRO A 372 17.42 3.69 -19.75
C PRO A 372 18.34 3.63 -20.95
N ALA A 373 18.83 4.78 -21.43
CA ALA A 373 19.66 4.77 -22.65
C ALA A 373 21.04 4.16 -22.43
N PHE A 374 21.59 4.34 -21.23
CA PHE A 374 22.97 3.96 -20.90
C PHE A 374 23.06 3.20 -19.60
N THR A 375 24.02 2.28 -19.51
CA THR A 375 24.24 1.58 -18.26
C THR A 375 24.70 2.51 -17.14
N GLY A 376 24.74 1.95 -15.93
CA GLY A 376 25.28 2.66 -14.78
C GLY A 376 26.63 3.25 -15.13
N TYR A 377 27.44 2.45 -15.81
CA TYR A 377 28.81 2.82 -16.12
C TYR A 377 28.93 3.81 -17.23
N GLY A 378 28.02 3.76 -18.20
CA GLY A 378 27.95 4.82 -19.20
C GLY A 378 27.74 4.34 -20.60
N GLU A 379 27.95 3.04 -20.84
CA GLU A 379 27.84 2.48 -22.17
C GLU A 379 26.39 2.40 -22.64
N LYS A 380 26.20 2.66 -23.92
CA LYS A 380 24.92 2.51 -24.62
C LYS A 380 24.23 1.18 -24.28
N ILE A 381 22.92 1.25 -24.07
CA ILE A 381 22.05 0.06 -23.92
C ILE A 381 21.18 -0.04 -25.17
N ASN A 382 21.27 -1.17 -25.87
CA ASN A 382 20.47 -1.33 -27.07
C ASN A 382 19.13 -1.92 -26.73
N CYS A 383 18.12 -1.06 -26.72
CA CYS A 383 16.78 -1.50 -26.41
C CYS A 383 15.76 -0.61 -27.07
N GLU A 384 14.90 -1.26 -27.85
CA GLU A 384 13.91 -0.62 -28.70
C GLU A 384 12.52 -1.14 -28.37
N LEU A 385 11.60 -0.21 -28.10
CA LEU A 385 10.24 -0.62 -27.73
C LEU A 385 9.67 -1.44 -28.87
N SER A 386 9.80 -0.89 -30.08
CA SER A 386 9.39 -1.55 -31.32
C SER A 386 10.09 -2.88 -31.65
N GLN A 387 11.11 -3.29 -30.90
CA GLN A 387 11.65 -4.67 -31.01
C GLN A 387 11.18 -5.53 -29.85
N GLY A 388 10.16 -5.04 -29.12
CA GLY A 388 9.58 -5.72 -27.96
C GLY A 388 10.45 -5.69 -26.72
N CYS A 389 11.36 -4.73 -26.69
CA CYS A 389 12.29 -4.58 -25.59
C CYS A 389 11.90 -3.38 -24.73
N SER A 390 11.86 -3.60 -23.41
CA SER A 390 11.59 -2.52 -22.50
C SER A 390 12.16 -2.81 -21.12
N LEU A 391 11.83 -1.93 -20.16
CA LEU A 391 12.18 -2.14 -18.76
C LEU A 391 11.03 -2.80 -18.01
N HIS A 392 11.39 -3.78 -17.19
CA HIS A 392 10.44 -4.62 -16.47
C HIS A 392 10.84 -4.71 -15.02
N LEU A 393 9.90 -4.44 -14.12
CA LEU A 393 10.19 -4.34 -12.70
C LEU A 393 9.54 -5.44 -11.90
N ALA A 394 10.35 -6.14 -11.10
CA ALA A 394 9.91 -7.22 -10.22
C ALA A 394 9.09 -6.71 -9.05
N GLN A 395 8.10 -7.51 -8.66
CA GLN A 395 7.13 -7.18 -7.60
C GLN A 395 6.89 -8.46 -6.77
N ARG A 396 6.21 -8.39 -5.63
CA ARG A 396 6.33 -9.51 -4.68
C ARG A 396 6.06 -10.86 -5.32
N LEU A 397 5.03 -10.95 -6.15
CA LEU A 397 4.65 -12.22 -6.71
C LEU A 397 5.72 -12.81 -7.63
N SER A 398 6.14 -12.02 -8.63
CA SER A 398 7.25 -12.37 -9.52
C SER A 398 8.34 -12.89 -8.62
N GLN A 399 8.65 -12.13 -7.57
CA GLN A 399 9.75 -12.50 -6.71
C GLN A 399 9.51 -13.75 -5.92
N LEU A 400 8.34 -13.86 -5.30
CA LEU A 400 8.00 -15.05 -4.50
C LEU A 400 8.01 -16.34 -5.29
N LEU A 401 7.59 -16.30 -6.55
CA LEU A 401 7.78 -17.46 -7.45
C LEU A 401 9.23 -17.95 -7.55
N ASN A 402 10.17 -17.02 -7.74
CA ASN A 402 11.59 -17.36 -7.76
C ASN A 402 12.15 -17.46 -6.34
N LEU A 403 11.27 -17.55 -5.35
CA LEU A 403 11.67 -17.80 -3.96
C LEU A 403 12.62 -16.76 -3.34
N GLN A 404 12.62 -15.55 -3.89
CA GLN A 404 13.49 -14.48 -3.47
C GLN A 404 12.87 -13.63 -2.40
N LEU A 405 12.95 -14.08 -1.15
CA LEU A 405 12.20 -13.44 -0.08
C LEU A 405 12.79 -12.12 0.41
N ARG A 406 13.99 -11.76 -0.05
CA ARG A 406 14.65 -10.59 0.50
C ARG A 406 14.67 -9.42 -0.44
N ARG A 407 14.25 -9.65 -1.67
CA ARG A 407 14.27 -8.60 -2.70
C ARG A 407 13.34 -7.43 -2.42
N MET A 408 13.50 -6.32 -3.14
CA MET A 408 12.68 -5.16 -2.87
C MET A 408 11.54 -4.93 -3.85
N PRO A 409 10.34 -4.75 -3.29
CA PRO A 409 9.20 -4.36 -4.06
C PRO A 409 9.47 -2.96 -4.57
N ILE A 410 8.76 -2.52 -5.59
CA ILE A 410 8.91 -1.15 -6.03
C ILE A 410 8.74 -0.20 -4.87
N LEU A 411 9.67 0.71 -4.70
CA LEU A 411 9.55 1.70 -3.66
C LEU A 411 9.08 3.04 -4.19
N SER A 412 7.97 3.50 -3.65
CA SER A 412 7.57 4.89 -3.87
C SER A 412 6.80 5.37 -2.65
N LYS A 413 6.97 6.64 -2.28
CA LYS A 413 6.37 7.22 -1.06
C LYS A 413 6.03 8.67 -1.26
N GLU A 414 5.04 9.16 -0.51
CA GLU A 414 4.64 10.56 -0.65
C GLU A 414 5.70 11.52 -0.14
N SER A 415 6.68 11.00 0.59
CA SER A 415 7.81 11.84 0.98
C SER A 415 8.42 12.42 -0.26
N ALA A 416 8.54 11.61 -1.32
CA ALA A 416 9.25 12.03 -2.51
C ALA A 416 8.43 11.89 -3.77
N PRO A 417 7.41 12.74 -3.95
CA PRO A 417 6.54 12.52 -5.11
C PRO A 417 7.30 12.46 -6.42
N GLY A 418 7.10 11.40 -7.20
CA GLY A 418 7.75 11.32 -8.49
C GLY A 418 8.92 10.35 -8.51
N LEU A 419 9.42 10.01 -7.33
CA LEU A 419 10.62 9.20 -7.21
C LEU A 419 10.21 7.75 -6.99
N ILE A 420 10.65 6.91 -7.92
CA ILE A 420 10.45 5.46 -7.83
C ILE A 420 11.81 4.79 -7.90
N ILE A 421 12.01 3.80 -7.04
CA ILE A 421 13.17 2.91 -7.17
C ILE A 421 12.66 1.46 -7.21
N ALA A 422 13.21 0.69 -8.14
CA ALA A 422 12.71 -0.65 -8.36
C ALA A 422 13.78 -1.61 -8.78
N THR A 423 13.58 -2.87 -8.41
CA THR A 423 14.38 -3.97 -8.91
C THR A 423 13.79 -4.49 -10.22
N GLY A 424 14.62 -4.65 -11.22
CA GLY A 424 14.12 -5.02 -12.53
C GLY A 424 15.15 -5.42 -13.54
N SER A 425 14.76 -5.42 -14.82
CA SER A 425 15.58 -5.97 -15.90
C SER A 425 15.22 -5.32 -17.22
N VAL A 426 16.20 -5.20 -18.11
CA VAL A 426 15.89 -4.74 -19.48
C VAL A 426 15.93 -5.91 -20.45
N GLY A 427 14.99 -5.95 -21.38
CA GLY A 427 14.85 -7.12 -22.24
C GLY A 427 13.44 -7.32 -22.73
N LYS A 428 13.20 -8.52 -23.23
CA LYS A 428 11.89 -8.88 -23.77
C LYS A 428 10.94 -9.18 -22.62
N ASN A 429 11.49 -9.53 -21.47
CA ASN A 429 10.72 -9.86 -20.30
C ASN A 429 11.57 -9.84 -19.03
N LEU A 430 11.00 -10.32 -17.93
CA LEU A 430 11.56 -10.08 -16.64
C LEU A 430 12.69 -11.03 -16.32
N ALA A 431 13.06 -11.87 -17.28
CA ALA A 431 13.94 -12.99 -16.99
C ALA A 431 15.47 -12.78 -17.09
N SER A 432 15.94 -11.55 -17.31
CA SER A 432 17.40 -11.29 -17.33
C SER A 432 18.01 -10.84 -15.99
N LYS A 433 19.29 -10.45 -16.03
CA LYS A 433 20.03 -10.01 -14.85
C LYS A 433 19.22 -8.89 -14.24
N THR A 434 19.18 -8.81 -12.91
CA THR A 434 18.40 -7.76 -12.27
C THR A 434 19.27 -6.58 -11.85
N ASN A 435 18.78 -5.37 -12.05
CA ASN A 435 19.46 -4.23 -11.48
C ASN A 435 18.50 -3.32 -10.78
N VAL A 436 19.05 -2.24 -10.23
CA VAL A 436 18.26 -1.22 -9.58
C VAL A 436 18.04 0.00 -10.49
N TYR A 437 16.76 0.32 -10.71
CA TYR A 437 16.40 1.36 -11.65
C TYR A 437 15.69 2.49 -10.92
N ILE A 438 15.93 3.72 -11.39
CA ILE A 438 15.34 4.89 -10.73
C ILE A 438 14.72 5.86 -11.71
N SER A 439 13.55 6.37 -11.31
CA SER A 439 12.94 7.45 -12.03
C SER A 439 12.54 8.53 -11.05
N SER A 440 12.56 9.76 -11.53
CA SER A 440 11.97 10.87 -10.81
C SER A 440 10.98 11.58 -11.71
N SER A 441 10.65 10.92 -12.82
CA SER A 441 9.67 11.42 -13.75
C SER A 441 8.42 10.59 -13.59
N ALA A 442 8.25 10.05 -12.38
CA ALA A 442 7.08 9.25 -12.05
C ALA A 442 6.92 8.10 -13.01
N GLY A 443 8.04 7.55 -13.49
CA GLY A 443 8.02 6.36 -14.35
C GLY A 443 8.27 6.69 -15.80
N ALA A 444 8.13 7.94 -16.19
CA ALA A 444 8.30 8.31 -17.60
C ALA A 444 9.67 7.99 -18.22
N ARG A 445 10.74 8.10 -17.43
CA ARG A 445 12.13 7.85 -17.88
C ARG A 445 12.94 7.22 -16.77
N TRP A 446 13.86 6.31 -17.08
CA TRP A 446 14.59 5.60 -16.01
C TRP A 446 16.08 5.66 -16.17
N ARG A 447 16.81 5.42 -15.09
CA ARG A 447 18.26 5.25 -15.20
C ARG A 447 18.65 3.92 -14.58
N GLU A 448 19.71 3.29 -15.09
CA GLU A 448 20.22 2.13 -14.39
C GLU A 448 21.08 2.66 -13.27
N ALA A 449 20.61 2.55 -12.05
CA ALA A 449 21.31 3.20 -10.98
C ALA A 449 22.47 2.38 -10.49
N LEU A 450 22.19 1.12 -10.18
CA LEU A 450 23.17 0.26 -9.57
C LEU A 450 22.95 -1.04 -10.25
N PRO A 451 24.03 -1.80 -10.48
CA PRO A 451 23.98 -3.07 -11.20
C PRO A 451 23.30 -4.25 -10.48
N GLY A 452 23.63 -4.51 -9.23
CA GLY A 452 23.11 -5.74 -8.63
C GLY A 452 21.76 -5.62 -7.95
N PRO A 453 21.27 -6.70 -7.35
CA PRO A 453 20.20 -6.51 -6.37
C PRO A 453 20.68 -5.77 -5.11
N HIS A 454 19.84 -4.90 -4.59
CA HIS A 454 20.17 -4.09 -3.44
C HIS A 454 18.97 -3.95 -2.55
N TYR A 455 19.21 -3.51 -1.32
CA TYR A 455 18.20 -3.00 -0.43
C TYR A 455 18.30 -1.53 -0.66
N TYR A 456 17.20 -0.81 -0.69
CA TYR A 456 17.36 0.60 -0.88
C TYR A 456 16.32 1.31 -0.06
N THR A 457 16.54 2.59 0.21
CA THR A 457 15.59 3.43 0.93
C THR A 457 15.97 4.89 0.68
N TRP A 458 15.10 5.82 1.02
CA TRP A 458 15.54 7.19 0.95
C TRP A 458 15.21 7.99 2.21
N GLY A 459 15.84 9.15 2.34
CA GLY A 459 15.62 10.00 3.49
C GLY A 459 15.59 11.45 3.06
N ASP A 460 15.25 12.31 4.00
CA ASP A 460 15.24 13.71 3.74
C ASP A 460 14.30 14.04 2.58
N HIS A 461 13.13 13.43 2.60
CA HIS A 461 12.11 13.70 1.61
C HIS A 461 12.61 13.44 0.21
N GLY A 462 13.42 12.39 0.07
CA GLY A 462 13.85 11.93 -1.24
C GLY A 462 15.22 12.45 -1.62
N GLY A 463 15.76 13.37 -0.84
CA GLY A 463 17.04 14.00 -1.23
C GLY A 463 18.28 13.12 -1.09
N ILE A 464 18.22 12.10 -0.26
CA ILE A 464 19.33 11.18 -0.18
C ILE A 464 18.84 9.74 -0.20
N ILE A 465 19.52 8.93 -1.04
CA ILE A 465 19.18 7.52 -1.20
C ILE A 465 20.27 6.60 -0.71
N THR A 466 19.89 5.51 -0.04
CA THR A 466 20.89 4.55 0.40
C THR A 466 20.59 3.15 -0.09
N ALA A 467 21.61 2.30 -0.10
CA ALA A 467 21.53 0.99 -0.73
C ALA A 467 22.59 0.05 -0.21
N ILE A 468 22.26 -1.23 -0.08
CA ILE A 468 23.26 -2.19 0.33
C ILE A 468 23.14 -3.44 -0.53
N ALA A 469 24.26 -3.91 -1.07
CA ALA A 469 24.25 -5.05 -2.00
C ALA A 469 23.78 -6.32 -1.30
N GLN A 470 22.87 -7.03 -1.96
CA GLN A 470 22.20 -8.23 -1.42
C GLN A 470 23.00 -9.48 -1.69
N GLY A 471 22.91 -10.46 -0.78
CA GLY A 471 23.39 -11.81 -1.08
C GLY A 471 24.64 -12.30 -0.38
N MET A 472 25.57 -11.40 -0.13
CA MET A 472 26.77 -11.79 0.54
C MET A 472 26.93 -10.79 1.66
N GLU A 473 27.86 -11.06 2.56
CA GLU A 473 28.16 -10.12 3.65
C GLU A 473 28.81 -8.87 3.06
N THR A 474 28.72 -7.76 3.78
CA THR A 474 29.27 -6.51 3.29
C THR A 474 29.40 -5.50 4.41
N ASN A 475 30.20 -4.47 4.16
CA ASN A 475 30.23 -3.31 5.05
C ASN A 475 30.20 -2.03 4.24
N GLU A 476 29.69 -2.13 3.03
CA GLU A 476 29.53 -0.98 2.17
C GLU A 476 28.12 -0.44 2.23
N LEU A 477 28.00 0.86 2.35
CA LEU A 477 26.73 1.51 2.24
C LEU A 477 26.85 2.43 1.06
N LYS A 478 26.16 2.11 0.00
CA LYS A 478 26.16 2.99 -1.15
C LYS A 478 25.17 4.12 -0.86
N TYR A 479 25.44 5.34 -1.31
CA TYR A 479 24.46 6.43 -1.16
C TYR A 479 24.53 7.38 -2.31
N SER A 480 23.44 8.05 -2.62
CA SER A 480 23.48 9.05 -3.67
C SER A 480 22.60 10.24 -3.30
N THR A 481 23.08 11.43 -3.68
CA THR A 481 22.30 12.65 -3.42
C THR A 481 21.75 13.20 -4.73
N ASN A 482 21.98 12.49 -5.83
CA ASN A 482 21.54 12.98 -7.13
C ASN A 482 20.65 12.02 -7.91
N GLU A 483 19.73 11.40 -7.18
CA GLU A 483 18.76 10.46 -7.75
C GLU A 483 19.47 9.32 -8.47
N GLY A 484 20.59 8.91 -7.88
CA GLY A 484 21.26 7.72 -8.33
C GLY A 484 22.14 7.87 -9.55
N GLU A 485 22.33 9.11 -10.03
CA GLU A 485 23.26 9.38 -11.15
C GLU A 485 24.67 8.97 -10.84
N THR A 486 25.07 9.19 -9.59
CA THR A 486 26.37 8.75 -9.09
C THR A 486 26.23 8.22 -7.68
N TRP A 487 27.16 7.37 -7.28
CA TRP A 487 27.08 6.77 -5.95
C TRP A 487 28.38 6.95 -5.20
N LYS A 488 28.34 6.89 -3.88
CA LYS A 488 29.57 6.92 -3.10
C LYS A 488 29.40 5.88 -2.03
N THR A 489 30.51 5.26 -1.65
CA THR A 489 30.47 4.15 -0.73
C THR A 489 30.93 4.64 0.63
N PHE A 490 30.30 4.12 1.67
CA PHE A 490 30.75 4.38 3.01
C PHE A 490 30.91 3.08 3.79
N ILE A 491 32.05 2.87 4.43
CA ILE A 491 32.27 1.62 5.17
C ILE A 491 31.63 1.70 6.54
N PHE A 492 30.64 0.86 6.84
CA PHE A 492 29.84 1.12 8.02
C PHE A 492 30.25 0.29 9.22
N SER A 493 31.05 -0.73 8.97
CA SER A 493 31.72 -1.39 10.08
C SER A 493 33.01 -2.01 9.61
N GLU A 494 33.86 -2.34 10.58
CA GLU A 494 35.23 -2.73 10.34
C GLU A 494 35.29 -4.02 9.56
N LYS A 495 34.63 -5.05 10.08
CA LYS A 495 34.52 -6.28 9.34
C LYS A 495 33.12 -6.42 8.73
N PRO A 496 33.04 -6.92 7.48
CA PRO A 496 31.77 -7.05 6.78
C PRO A 496 30.81 -8.00 7.50
N VAL A 497 29.51 -7.75 7.34
CA VAL A 497 28.48 -8.43 8.10
C VAL A 497 27.31 -8.75 7.19
N PHE A 498 26.45 -9.64 7.66
CA PHE A 498 25.28 -10.01 6.90
C PHE A 498 24.21 -8.96 7.16
N VAL A 499 23.62 -8.44 6.07
CA VAL A 499 22.61 -7.41 6.24
C VAL A 499 21.20 -7.93 6.02
N TYR A 500 20.35 -7.66 6.97
CA TYR A 500 18.99 -8.16 6.87
C TYR A 500 18.03 -7.12 6.33
N GLY A 501 18.39 -5.85 6.49
CA GLY A 501 17.58 -4.76 5.95
C GLY A 501 18.18 -3.40 6.25
N LEU A 502 17.64 -2.40 5.57
CA LEU A 502 18.16 -1.04 5.60
C LEU A 502 16.98 -0.09 5.64
N LEU A 503 16.72 0.58 6.75
CA LEU A 503 15.50 1.35 6.91
C LEU A 503 15.64 2.81 7.40
N THR A 504 14.55 3.59 7.26
CA THR A 504 14.41 4.91 7.89
C THR A 504 13.08 5.01 8.60
N GLU A 505 13.02 5.83 9.63
CA GLU A 505 11.77 6.03 10.32
C GLU A 505 10.77 6.39 9.25
N PRO A 506 9.60 5.72 9.25
CA PRO A 506 8.53 6.04 8.33
C PRO A 506 8.38 7.54 8.15
N GLY A 507 8.21 7.98 6.91
CA GLY A 507 8.02 9.38 6.64
C GLY A 507 9.24 9.84 5.88
N GLU A 508 10.30 9.07 6.06
CA GLU A 508 11.54 9.29 5.36
C GLU A 508 12.03 10.74 5.56
N LYS A 509 11.88 11.30 6.76
CA LYS A 509 12.27 12.71 6.89
C LYS A 509 13.70 12.94 7.37
N SER A 510 14.27 11.90 7.97
CA SER A 510 15.55 11.98 8.63
C SER A 510 16.68 11.81 7.66
N THR A 511 17.89 11.95 8.16
CA THR A 511 19.06 11.59 7.39
C THR A 511 19.63 10.39 8.09
N VAL A 512 18.85 9.84 9.01
CA VAL A 512 19.24 8.64 9.70
C VAL A 512 18.72 7.36 9.04
N PHE A 513 19.62 6.39 8.99
CA PHE A 513 19.33 5.08 8.46
C PHE A 513 19.68 3.98 9.45
N THR A 514 18.86 2.93 9.44
CA THR A 514 19.08 1.81 10.31
C THR A 514 19.38 0.54 9.56
N ILE A 515 20.60 0.06 9.75
CA ILE A 515 21.03 -1.22 9.22
C ILE A 515 20.81 -2.27 10.28
N PHE A 516 20.10 -3.33 9.91
CA PHE A 516 19.94 -4.53 10.75
C PHE A 516 20.73 -5.65 10.12
N GLY A 517 21.39 -6.46 10.94
CA GLY A 517 22.10 -7.62 10.44
C GLY A 517 22.73 -8.45 11.55
N SER A 518 23.59 -9.37 11.14
CA SER A 518 24.31 -10.22 12.06
C SER A 518 25.71 -10.38 11.50
N ASN A 519 26.70 -10.51 12.39
CA ASN A 519 28.09 -10.63 11.92
C ASN A 519 28.43 -12.04 11.40
N LYS A 520 29.49 -12.12 10.60
CA LYS A 520 29.80 -13.29 9.76
C LYS A 520 30.37 -14.47 10.55
N GLU A 521 31.24 -14.14 11.50
CA GLU A 521 32.00 -15.09 12.26
C GLU A 521 31.04 -16.11 12.86
N ASN A 522 30.13 -15.60 13.67
CA ASN A 522 29.19 -16.46 14.40
C ASN A 522 27.96 -16.76 13.56
N VAL A 523 27.17 -17.75 13.98
CA VAL A 523 25.85 -17.93 13.40
C VAL A 523 24.94 -16.79 13.85
N HIS A 524 23.79 -16.69 13.20
CA HIS A 524 22.89 -15.58 13.35
C HIS A 524 22.70 -15.07 14.81
N SER A 525 22.99 -13.80 15.01
CA SER A 525 22.57 -13.05 16.18
C SER A 525 22.34 -11.63 15.71
N TRP A 526 21.31 -10.99 16.25
CA TRP A 526 20.83 -9.68 15.79
C TRP A 526 21.73 -8.57 16.21
N LEU A 527 21.73 -7.54 15.37
CA LEU A 527 22.72 -6.51 15.44
C LEU A 527 22.23 -5.30 14.63
N ILE A 528 22.24 -4.13 15.26
CA ILE A 528 21.63 -2.92 14.70
C ILE A 528 22.52 -1.69 14.70
N LEU A 529 22.79 -1.15 13.51
CA LEU A 529 23.60 0.04 13.39
C LEU A 529 22.77 1.23 12.97
N GLN A 530 23.19 2.38 13.46
CA GLN A 530 22.49 3.61 13.26
C GLN A 530 23.47 4.57 12.64
N VAL A 531 22.99 5.35 11.69
CA VAL A 531 23.88 6.00 10.77
C VAL A 531 23.32 7.34 10.34
N ASN A 532 24.13 8.38 10.48
CA ASN A 532 23.67 9.72 10.21
C ASN A 532 24.38 10.29 9.01
N ALA A 533 23.61 10.66 8.00
CA ALA A 533 24.20 11.05 6.74
C ALA A 533 23.95 12.51 6.42
N THR A 534 23.75 13.34 7.45
CA THR A 534 23.55 14.75 7.19
C THR A 534 24.71 15.33 6.39
N ASP A 535 25.94 14.99 6.77
CA ASP A 535 27.06 15.67 6.16
C ASP A 535 27.23 15.36 4.67
N ALA A 536 26.56 14.33 4.19
CA ALA A 536 26.55 14.06 2.77
C ALA A 536 25.73 15.11 2.02
N LEU A 537 24.77 15.74 2.69
CA LEU A 537 24.00 16.79 2.05
C LEU A 537 24.59 18.13 2.41
N GLY A 538 25.14 18.20 3.61
CA GLY A 538 26.03 19.28 4.00
C GLY A 538 25.40 20.57 4.46
N VAL A 539 24.41 21.08 3.74
CA VAL A 539 24.01 22.46 3.92
C VAL A 539 22.51 22.54 3.68
N PRO A 540 21.86 23.61 4.17
CA PRO A 540 20.43 23.71 3.93
C PRO A 540 20.11 24.13 2.50
N CYS A 541 18.99 23.67 1.98
CA CYS A 541 18.53 24.11 0.68
C CYS A 541 17.99 25.52 0.76
N THR A 542 17.95 26.17 -0.38
CA THR A 542 17.53 27.56 -0.52
C THR A 542 16.68 27.62 -1.77
N GLU A 543 16.02 28.75 -2.01
CA GLU A 543 15.01 28.79 -3.06
C GLU A 543 15.52 28.33 -4.43
N ASN A 544 16.83 28.50 -4.60
CA ASN A 544 17.57 28.11 -5.77
C ASN A 544 17.63 26.63 -6.05
N ASP A 545 17.42 25.84 -5.02
CA ASP A 545 17.56 24.42 -5.14
C ASP A 545 16.21 23.76 -5.43
N TYR A 546 15.19 24.59 -5.53
CA TYR A 546 13.89 24.06 -5.85
C TYR A 546 13.40 24.49 -7.21
N LYS A 547 12.48 23.69 -7.73
CA LYS A 547 11.94 23.80 -9.05
C LYS A 547 10.53 23.19 -8.97
N LEU A 548 9.62 23.56 -9.86
CA LEU A 548 8.24 23.05 -9.80
C LEU A 548 8.00 21.89 -10.77
N TRP A 549 7.17 20.93 -10.38
CA TRP A 549 6.89 19.74 -11.22
C TRP A 549 5.50 19.14 -10.99
N SER A 550 4.82 18.80 -12.08
CA SER A 550 3.62 17.99 -12.04
C SER A 550 3.77 16.80 -12.96
N PRO A 551 3.12 15.68 -12.65
CA PRO A 551 3.06 14.59 -13.62
C PRO A 551 2.59 15.00 -15.02
N SER A 552 1.69 15.97 -15.09
CA SER A 552 1.26 16.53 -16.37
C SER A 552 2.45 16.87 -17.25
N ASP A 553 3.53 17.36 -16.63
CA ASP A 553 4.76 17.76 -17.32
C ASP A 553 5.41 16.60 -18.11
N GLU A 554 5.03 15.36 -17.81
CA GLU A 554 5.61 14.22 -18.48
C GLU A 554 4.70 13.72 -19.58
N ARG A 555 3.41 13.61 -19.28
CA ARG A 555 2.40 13.29 -20.30
C ARG A 555 1.89 14.56 -21.06
N GLY A 556 2.83 15.34 -21.62
CA GLY A 556 2.51 16.52 -22.43
C GLY A 556 1.40 17.44 -21.93
N ASN A 557 1.49 17.87 -20.67
CA ASN A 557 0.58 18.87 -20.11
C ASN A 557 -0.85 18.45 -19.91
N GLU A 558 -1.16 17.17 -20.12
CA GLU A 558 -2.54 16.74 -19.99
C GLU A 558 -2.92 16.63 -18.52
N CYS A 559 -4.04 17.25 -18.14
CA CYS A 559 -4.56 17.08 -16.79
C CYS A 559 -5.22 15.73 -16.60
N LEU A 560 -5.79 15.51 -15.43
CA LEU A 560 -6.46 14.27 -15.20
C LEU A 560 -7.74 14.56 -14.46
N LEU A 561 -8.85 14.17 -15.09
CA LEU A 561 -10.18 14.60 -14.70
C LEU A 561 -10.18 16.11 -14.52
N GLY A 562 -9.54 16.78 -15.48
CA GLY A 562 -9.46 18.23 -15.53
C GLY A 562 -8.88 18.91 -14.29
N HIS A 563 -7.94 18.26 -13.64
CA HIS A 563 -7.20 18.88 -12.55
C HIS A 563 -5.82 18.24 -12.44
N LYS A 564 -4.89 18.97 -11.84
CA LYS A 564 -3.52 18.54 -11.78
C LYS A 564 -2.86 19.05 -10.51
N THR A 565 -1.77 18.38 -10.12
CA THR A 565 -1.09 18.71 -8.89
C THR A 565 0.33 19.15 -9.20
N VAL A 566 0.75 20.29 -8.63
CA VAL A 566 2.13 20.75 -8.80
C VAL A 566 2.87 20.65 -7.48
N PHE A 567 4.09 20.11 -7.53
CA PHE A 567 4.95 19.88 -6.35
C PHE A 567 6.23 20.72 -6.38
N LYS A 568 6.63 21.23 -5.23
CA LYS A 568 7.95 21.87 -5.15
C LYS A 568 8.95 20.75 -4.83
N ARG A 569 9.88 20.48 -5.74
CA ARG A 569 10.84 19.43 -5.52
C ARG A 569 12.22 20.02 -5.67
N ARG A 570 13.17 19.53 -4.88
CA ARG A 570 14.55 19.95 -5.02
C ARG A 570 15.09 19.38 -6.34
N THR A 571 15.86 20.17 -7.07
CA THR A 571 16.45 19.73 -8.33
C THR A 571 17.34 18.52 -8.08
N PRO A 572 17.65 17.74 -9.14
CA PRO A 572 18.37 16.50 -8.86
C PRO A 572 19.83 16.72 -8.46
N HIS A 573 20.46 17.73 -9.03
CA HIS A 573 21.87 18.02 -8.73
C HIS A 573 22.19 18.79 -7.43
N ALA A 574 21.24 19.55 -6.91
CA ALA A 574 21.42 20.26 -5.65
C ALA A 574 21.92 19.38 -4.52
N THR A 575 23.10 19.65 -3.96
CA THR A 575 23.54 18.97 -2.74
C THR A 575 23.26 19.85 -1.51
N CYS A 576 22.17 19.55 -0.82
CA CYS A 576 21.71 20.34 0.30
C CYS A 576 20.57 19.56 0.87
N PHE A 577 20.17 19.88 2.09
CA PHE A 577 19.16 19.08 2.75
C PHE A 577 17.90 19.86 3.04
N ASN A 578 16.78 19.26 2.70
CA ASN A 578 15.49 19.85 2.89
C ASN A 578 15.15 20.10 4.34
N GLY A 579 15.58 19.19 5.21
CA GLY A 579 15.32 19.33 6.62
C GLY A 579 14.11 18.54 7.08
N GLU A 580 14.24 17.93 8.26
CA GLU A 580 13.22 17.07 8.81
C GLU A 580 11.87 17.76 8.78
N ASP A 581 11.85 19.08 8.96
CA ASP A 581 10.57 19.78 9.04
C ASP A 581 10.06 20.33 7.75
N PHE A 582 10.78 20.08 6.67
CA PHE A 582 10.33 20.46 5.36
C PHE A 582 8.85 20.20 5.20
N ASP A 583 8.12 21.21 4.79
CA ASP A 583 6.70 21.05 4.66
C ASP A 583 6.34 21.32 3.21
N ARG A 584 6.46 20.27 2.41
CA ARG A 584 6.46 20.40 0.95
C ARG A 584 5.24 21.06 0.33
N PRO A 585 5.44 22.26 -0.25
CA PRO A 585 4.39 22.93 -1.02
C PRO A 585 3.79 22.01 -2.08
N VAL A 586 2.48 21.81 -2.00
CA VAL A 586 1.72 21.14 -3.04
C VAL A 586 0.52 21.99 -3.41
N VAL A 587 0.27 22.11 -4.70
CA VAL A 587 -0.89 22.88 -5.16
C VAL A 587 -1.68 22.07 -6.18
N VAL A 588 -2.95 21.88 -5.87
CA VAL A 588 -3.87 21.28 -6.81
C VAL A 588 -4.65 22.38 -7.49
N SER A 589 -4.92 22.23 -8.78
CA SER A 589 -5.70 23.23 -9.46
C SER A 589 -6.51 22.63 -10.60
N ASN A 590 -7.63 23.27 -10.92
CA ASN A 590 -8.38 22.92 -12.13
C ASN A 590 -7.74 23.56 -13.35
N CYS A 591 -7.82 22.88 -14.48
CA CYS A 591 -7.25 23.40 -15.74
C CYS A 591 -8.36 23.54 -16.77
N SER A 592 -8.21 24.52 -17.66
CA SER A 592 -9.28 24.80 -18.61
C SER A 592 -9.51 23.57 -19.48
N CYS A 593 -10.75 23.43 -19.97
CA CYS A 593 -11.30 22.18 -20.48
C CYS A 593 -10.70 21.66 -21.77
N THR A 594 -10.75 20.35 -21.95
CA THR A 594 -10.29 19.68 -23.17
C THR A 594 -11.38 18.75 -23.71
N ARG A 595 -11.19 18.25 -24.93
CA ARG A 595 -12.13 17.31 -25.51
C ARG A 595 -12.26 16.05 -24.64
N GLU A 596 -11.15 15.65 -24.03
CA GLU A 596 -11.10 14.41 -23.28
C GLU A 596 -11.81 14.55 -21.96
N ASP A 597 -12.16 15.79 -21.60
CA ASP A 597 -12.97 16.02 -20.40
C ASP A 597 -14.45 15.65 -20.61
N TYR A 598 -14.88 15.56 -21.86
CA TYR A 598 -16.29 15.26 -22.17
C TYR A 598 -16.49 13.87 -22.72
N GLU A 599 -17.69 13.35 -22.51
CA GLU A 599 -18.14 12.13 -23.17
C GLU A 599 -19.52 12.35 -23.79
N CYS A 600 -19.96 11.34 -24.54
CA CYS A 600 -21.26 11.38 -25.17
C CYS A 600 -22.33 11.12 -24.15
N ASP A 601 -23.36 11.95 -24.22
CA ASP A 601 -24.51 11.87 -23.35
C ASP A 601 -25.32 10.59 -23.53
N PHE A 602 -26.16 10.29 -22.53
CA PHE A 602 -27.03 9.12 -22.57
C PHE A 602 -27.77 9.17 -23.91
N GLY A 603 -27.61 8.12 -24.71
CA GLY A 603 -28.29 8.01 -26.00
C GLY A 603 -27.72 8.82 -27.15
N PHE A 604 -26.43 9.15 -27.04
CA PHE A 604 -25.68 9.76 -28.13
C PHE A 604 -24.50 8.85 -28.44
N LYS A 605 -23.92 8.99 -29.62
CA LYS A 605 -22.77 8.15 -29.96
C LYS A 605 -21.81 8.82 -30.94
N MET A 606 -20.68 8.16 -31.12
CA MET A 606 -19.64 8.61 -32.02
C MET A 606 -20.07 8.32 -33.46
N SER A 607 -19.99 9.33 -34.34
CA SER A 607 -20.28 9.14 -35.77
C SER A 607 -19.27 8.16 -36.38
N GLU A 608 -19.66 7.53 -37.49
CA GLU A 608 -18.81 6.48 -38.06
C GLU A 608 -17.41 6.99 -38.42
N ASP A 609 -17.32 8.23 -38.89
CA ASP A 609 -16.03 8.81 -39.28
C ASP A 609 -15.12 8.99 -38.07
N LEU A 610 -14.35 7.94 -37.78
CA LEU A 610 -13.44 7.96 -36.66
C LEU A 610 -12.56 9.20 -36.78
N SER A 611 -12.15 9.50 -38.00
CA SER A 611 -11.28 10.62 -38.30
C SER A 611 -11.71 11.86 -37.55
N LEU A 612 -12.98 12.24 -37.72
CA LEU A 612 -13.49 13.42 -37.04
C LEU A 612 -14.61 13.04 -36.08
N GLU A 613 -14.41 13.36 -34.80
CA GLU A 613 -15.21 12.79 -33.70
C GLU A 613 -16.08 13.74 -32.88
N VAL A 614 -17.39 13.59 -33.05
CA VAL A 614 -18.42 14.37 -32.37
C VAL A 614 -19.44 13.38 -31.82
N CYS A 615 -20.33 13.85 -30.97
CA CYS A 615 -21.47 13.03 -30.55
C CYS A 615 -22.67 13.40 -31.40
N VAL A 616 -23.46 12.39 -31.72
CA VAL A 616 -24.60 12.56 -32.59
C VAL A 616 -25.76 11.78 -31.96
N PRO A 617 -26.98 12.36 -31.96
CA PRO A 617 -28.14 11.61 -31.46
C PRO A 617 -28.16 10.17 -32.01
N ASP A 618 -28.16 9.17 -31.14
CA ASP A 618 -28.23 7.74 -31.54
C ASP A 618 -29.60 7.50 -32.16
N PRO A 619 -29.66 6.85 -33.36
CA PRO A 619 -30.96 6.59 -34.02
C PRO A 619 -31.91 5.68 -33.22
N GLU A 620 -31.38 4.63 -32.59
CA GLU A 620 -32.26 3.63 -31.98
C GLU A 620 -32.93 4.11 -30.69
N PHE A 621 -32.25 4.89 -29.86
CA PHE A 621 -32.99 5.72 -28.94
C PHE A 621 -33.58 6.79 -29.84
N SER A 622 -34.89 7.01 -29.73
CA SER A 622 -35.47 8.22 -30.30
C SER A 622 -34.73 9.40 -29.65
N GLY A 623 -34.57 9.32 -28.33
CA GLY A 623 -33.85 10.32 -27.58
C GLY A 623 -33.59 9.80 -26.19
N PRO A 628 -35.03 16.60 -19.51
CA PRO A 628 -36.33 17.22 -19.28
C PRO A 628 -36.60 17.41 -17.78
N PRO A 629 -36.34 18.62 -17.23
CA PRO A 629 -36.42 18.78 -15.78
C PRO A 629 -37.76 19.33 -15.26
N VAL A 630 -38.38 18.56 -14.36
CA VAL A 630 -39.59 18.99 -13.69
C VAL A 630 -39.33 19.04 -12.18
N PRO A 631 -39.76 20.14 -11.54
CA PRO A 631 -40.40 21.29 -12.19
C PRO A 631 -39.49 22.51 -12.36
N CYS A 632 -39.66 23.19 -13.49
CA CYS A 632 -38.82 24.35 -13.85
C CYS A 632 -39.54 25.70 -13.69
N PRO A 633 -39.04 26.62 -12.79
CA PRO A 633 -39.64 27.94 -12.78
C PRO A 633 -38.65 29.05 -13.16
N SER A 636 -34.95 30.30 -12.09
CA SER A 636 -34.13 29.15 -12.41
C SER A 636 -34.02 28.97 -13.92
N THR A 637 -32.95 28.32 -14.37
CA THR A 637 -32.80 27.99 -15.79
C THR A 637 -32.32 26.56 -16.07
N TYR A 638 -33.05 25.91 -16.98
CA TYR A 638 -32.67 24.68 -17.64
C TYR A 638 -31.37 24.95 -18.39
N ARG A 639 -30.49 23.97 -18.47
CA ARG A 639 -29.36 24.03 -19.42
C ARG A 639 -29.26 22.73 -20.24
N ARG A 640 -30.05 22.62 -21.30
CA ARG A 640 -30.17 21.34 -22.05
C ARG A 640 -28.94 20.90 -22.87
N THR A 641 -28.78 19.58 -22.99
CA THR A 641 -27.62 18.95 -23.62
C THR A 641 -27.44 19.32 -25.08
N ARG A 642 -26.18 19.40 -25.48
CA ARG A 642 -25.81 19.39 -26.89
C ARG A 642 -25.32 18.01 -27.25
N GLY A 643 -25.60 17.02 -26.41
CA GLY A 643 -25.11 15.67 -26.61
C GLY A 643 -23.79 15.36 -25.94
N TYR A 644 -23.25 16.33 -25.22
CA TYR A 644 -21.95 16.18 -24.62
C TYR A 644 -21.99 16.50 -23.14
N ARG A 645 -21.32 15.66 -22.34
CA ARG A 645 -21.42 15.68 -20.88
C ARG A 645 -20.04 15.59 -20.21
N LYS A 646 -19.72 16.48 -19.27
CA LYS A 646 -18.49 16.34 -18.48
C LYS A 646 -18.47 14.94 -17.85
N ILE A 647 -17.35 14.22 -17.96
CA ILE A 647 -17.31 12.85 -17.42
C ILE A 647 -17.30 12.89 -15.90
N SER A 648 -17.81 11.84 -15.27
CA SER A 648 -17.93 11.77 -13.81
C SER A 648 -16.69 12.25 -13.11
N GLY A 649 -16.91 12.98 -12.02
CA GLY A 649 -15.83 13.45 -11.16
C GLY A 649 -14.85 14.46 -11.75
N ASP A 650 -15.00 14.78 -13.03
CA ASP A 650 -14.06 15.64 -13.72
C ASP A 650 -14.25 17.10 -13.35
N THR A 651 -13.25 17.71 -12.72
CA THR A 651 -13.39 19.04 -12.13
C THR A 651 -12.88 20.13 -13.08
N CYS A 652 -12.91 19.82 -14.36
CA CYS A 652 -12.50 20.73 -15.40
C CYS A 652 -13.07 22.14 -15.25
N SER A 653 -12.36 23.18 -15.71
CA SER A 653 -12.97 24.52 -15.76
C SER A 653 -12.32 25.54 -16.71
N GLY A 654 -13.15 26.33 -17.39
CA GLY A 654 -12.65 27.35 -18.31
C GLY A 654 -12.34 26.80 -19.69
N GLY A 655 -11.97 27.71 -20.61
CA GLY A 655 -11.54 27.35 -21.97
C GLY A 655 -12.64 27.34 -23.01
N ASP A 656 -12.25 27.50 -24.28
CA ASP A 656 -13.19 27.53 -25.41
C ASP A 656 -13.99 26.24 -25.57
N VAL A 657 -13.28 25.10 -25.57
CA VAL A 657 -13.97 23.82 -25.74
C VAL A 657 -15.10 23.64 -24.73
N GLU A 658 -14.97 24.23 -23.54
CA GLU A 658 -16.06 24.28 -22.58
C GLU A 658 -17.15 25.19 -23.13
N ALA A 659 -16.70 26.36 -23.60
CA ALA A 659 -17.57 27.42 -24.09
C ALA A 659 -18.59 26.89 -25.09
N ARG A 660 -18.15 26.15 -26.11
CA ARG A 660 -19.09 25.65 -27.10
C ARG A 660 -19.67 24.27 -26.76
N LEU A 661 -18.81 23.32 -26.41
CA LEU A 661 -19.20 21.90 -26.34
C LEU A 661 -20.18 21.57 -25.21
N GLU A 662 -20.35 22.54 -24.32
CA GLU A 662 -21.19 22.43 -23.14
C GLU A 662 -22.67 22.43 -23.56
N GLY A 663 -23.57 22.02 -22.65
CA GLY A 663 -25.01 22.00 -22.92
C GLY A 663 -25.74 23.33 -23.08
N GLU A 664 -26.85 23.30 -23.82
CA GLU A 664 -27.55 24.52 -24.19
C GLU A 664 -28.67 24.86 -23.21
N LEU A 665 -28.70 26.11 -22.76
CA LEU A 665 -29.77 26.61 -21.91
C LEU A 665 -31.09 26.81 -22.64
N VAL A 666 -32.19 26.61 -21.90
CA VAL A 666 -33.52 27.06 -22.28
C VAL A 666 -34.22 27.48 -20.98
N PRO A 667 -34.54 28.79 -20.84
CA PRO A 667 -35.17 29.31 -19.63
C PRO A 667 -36.51 28.60 -19.41
N CYS A 668 -36.85 28.38 -18.14
CA CYS A 668 -37.83 27.38 -17.75
C CYS A 668 -39.08 27.28 -18.63
N PRO A 669 -39.44 26.05 -18.98
CA PRO A 669 -40.49 25.71 -19.90
C PRO A 669 -41.32 26.94 -20.25
N LEU B 1 23.74 -16.44 2.17
CA LEU B 1 22.97 -15.61 3.18
C LEU B 1 21.66 -16.34 3.57
N PRO B 2 21.51 -16.73 4.87
CA PRO B 2 20.54 -17.75 5.31
C PRO B 2 19.08 -17.43 4.99
N GLN B 3 18.37 -18.43 4.47
CA GLN B 3 17.03 -18.28 3.90
C GLN B 3 15.87 -18.08 4.89
N ASP B 4 16.02 -18.52 6.14
CA ASP B 4 14.90 -18.45 7.10
C ASP B 4 15.30 -17.89 8.49
N ARG B 5 16.22 -16.94 8.48
CA ARG B 5 16.64 -16.24 9.67
C ARG B 5 16.83 -14.79 9.31
N GLY B 6 16.47 -13.93 10.24
CA GLY B 6 16.77 -12.52 10.09
C GLY B 6 15.77 -11.87 9.19
N PHE B 7 14.52 -11.86 9.67
CA PHE B 7 13.42 -11.24 8.94
C PHE B 7 12.73 -10.15 9.72
N LEU B 8 12.38 -9.11 8.98
CA LEU B 8 12.16 -7.82 9.55
C LEU B 8 10.78 -7.34 9.17
N VAL B 9 10.11 -6.68 10.11
CA VAL B 9 8.76 -6.17 9.87
C VAL B 9 8.65 -4.80 10.54
N VAL B 10 8.07 -3.84 9.83
CA VAL B 10 7.84 -2.52 10.43
C VAL B 10 6.39 -2.42 10.94
N GLN B 11 6.11 -1.67 12.00
CA GLN B 11 4.72 -1.59 12.48
C GLN B 11 3.99 -0.25 12.35
#